data_2MVI
#
_entry.id   2MVI
#
_cell.length_a   1.000
_cell.length_b   1.000
_cell.length_c   1.000
_cell.angle_alpha   90.00
_cell.angle_beta   90.00
_cell.angle_gamma   90.00
#
_symmetry.space_group_name_H-M   'P 1'
#
loop_
_entity.id
_entity.type
_entity.pdbx_description
1 polymer 'Bacteriocin plantarican ASM1'
2 non-polymer 2-acetamido-2-deoxy-beta-D-glucopyranose
#
_entity_poly.entity_id   1
_entity_poly.type   'polypeptide(L)'
_entity_poly.pdbx_seq_one_letter_code
;KPAWCWYTLAMCGAGYDSGTCDYMYSHCFGVKHSSGGGGSYHC
;
_entity_poly.pdbx_strand_id   A
#
# COMPACT_ATOMS: atom_id res chain seq x y z
N LYS A 1 10.41 9.24 1.13
CA LYS A 1 9.00 9.00 0.85
C LYS A 1 8.20 10.30 0.96
N PRO A 2 7.01 10.31 0.36
CA PRO A 2 6.12 11.48 0.37
C PRO A 2 5.53 11.74 1.75
N ALA A 3 4.54 12.62 1.80
CA ALA A 3 3.88 12.96 3.06
C ALA A 3 2.70 12.04 3.33
N TRP A 4 2.60 10.96 2.55
CA TRP A 4 1.51 10.00 2.70
C TRP A 4 2.01 8.72 3.36
N CYS A 5 3.15 8.23 2.90
CA CYS A 5 3.74 7.01 3.44
C CYS A 5 4.71 7.33 4.58
N TRP A 6 5.45 6.32 5.01
CA TRP A 6 6.41 6.49 6.10
C TRP A 6 7.55 5.49 5.99
N TYR A 7 7.19 4.22 5.77
CA TYR A 7 8.19 3.17 5.65
C TYR A 7 7.53 1.84 5.26
N THR A 8 8.28 0.76 5.37
CA THR A 8 7.77 -0.57 5.03
C THR A 8 7.33 -1.32 6.26
N LEU A 9 6.96 -0.59 7.31
CA LEU A 9 6.51 -1.19 8.56
C LEU A 9 5.21 -1.96 8.36
N ALA A 10 4.42 -1.52 7.40
CA ALA A 10 3.14 -2.17 7.10
C ALA A 10 2.18 -2.04 8.27
N MET A 11 1.82 -0.80 8.60
CA MET A 11 0.90 -0.55 9.70
C MET A 11 -0.47 -1.15 9.42
N CYS A 12 -1.18 -0.58 8.45
CA CYS A 12 -2.50 -1.07 8.08
C CYS A 12 -2.46 -2.56 7.74
N GLY A 13 -3.62 -3.21 7.83
CA GLY A 13 -3.69 -4.62 7.53
C GLY A 13 -3.51 -5.49 8.76
N ALA A 14 -2.85 -4.95 9.77
CA ALA A 14 -2.61 -5.68 11.01
C ALA A 14 -3.48 -5.14 12.14
N GLY A 15 -4.63 -4.57 11.79
CA GLY A 15 -5.52 -4.02 12.78
C GLY A 15 -5.46 -2.51 12.86
N TYR A 16 -4.36 -1.95 12.40
CA TYR A 16 -4.17 -0.50 12.41
C TYR A 16 -5.33 0.20 11.71
N ASP A 17 -5.90 -0.46 10.71
CA ASP A 17 -7.02 0.10 9.96
C ASP A 17 -8.23 -0.84 9.98
N SER A 18 -9.26 -0.48 9.24
CA SER A 18 -10.47 -1.30 9.18
C SER A 18 -10.32 -2.41 8.15
N GLY A 19 -9.23 -3.14 8.42
CA GLY A 19 -8.34 -3.61 7.37
C GLY A 19 -8.53 -2.86 6.07
N THR A 20 -7.98 -1.65 6.00
CA THR A 20 -8.09 -0.82 4.81
C THR A 20 -6.91 0.11 4.68
N CYS A 21 -6.40 0.25 3.45
CA CYS A 21 -5.26 1.12 3.18
C CYS A 21 -5.55 2.05 2.00
N ASP A 22 -4.53 2.80 1.59
CA ASP A 22 -4.67 3.72 0.47
C ASP A 22 -3.33 3.94 -0.23
N TYR A 23 -2.46 4.73 0.40
CA TYR A 23 -1.14 5.02 -0.17
C TYR A 23 -0.30 3.75 -0.25
N MET A 24 -0.60 2.79 0.63
CA MET A 24 0.13 1.53 0.67
C MET A 24 -0.04 0.77 -0.65
N TYR A 25 -1.26 0.72 -1.15
CA TYR A 25 -1.55 0.02 -2.39
C TYR A 25 -0.88 0.71 -3.57
N SER A 26 -0.36 1.92 -3.34
CA SER A 26 0.31 2.69 -4.38
C SER A 26 1.77 2.30 -4.49
N HIS A 27 2.08 1.04 -4.19
CA HIS A 27 3.44 0.54 -4.25
C HIS A 27 4.38 1.40 -3.40
N CYS A 28 4.01 1.59 -2.14
CA CYS A 28 4.80 2.39 -1.22
C CYS A 28 5.34 1.53 -0.07
N PHE A 29 4.72 0.38 0.13
CA PHE A 29 5.13 -0.53 1.20
C PHE A 29 5.60 -1.86 0.62
N GLY A 30 5.10 -2.20 -0.57
CA GLY A 30 5.48 -3.45 -1.20
C GLY A 30 4.59 -4.60 -0.79
N VAL A 31 3.35 -4.29 -0.44
CA VAL A 31 2.39 -5.31 -0.01
C VAL A 31 1.41 -5.65 -1.13
N LYS A 32 1.05 -4.64 -1.91
CA LYS A 32 0.12 -4.83 -3.02
C LYS A 32 0.65 -5.87 -4.01
N HIS A 33 -0.28 -6.57 -4.65
CA HIS A 33 0.09 -7.60 -5.62
C HIS A 33 -1.03 -7.83 -6.63
N SER A 34 -0.74 -7.58 -7.90
CA SER A 34 -1.72 -7.76 -8.96
C SER A 34 -1.16 -8.62 -10.08
N SER A 35 -2.04 -9.04 -11.00
CA SER A 35 -1.64 -9.87 -12.12
C SER A 35 -1.18 -9.02 -13.30
N GLY A 36 -1.87 -7.91 -13.52
CA GLY A 36 -1.52 -7.02 -14.61
C GLY A 36 -0.46 -6.02 -14.22
N GLY A 37 -0.85 -4.74 -14.14
CA GLY A 37 0.09 -3.70 -13.77
C GLY A 37 -0.50 -2.71 -12.80
N GLY A 38 -1.70 -2.22 -13.10
CA GLY A 38 -2.36 -1.26 -12.23
C GLY A 38 -1.49 -0.04 -11.95
N GLY A 39 -1.69 0.57 -10.78
CA GLY A 39 -0.91 1.74 -10.42
C GLY A 39 -1.02 2.85 -11.45
N SER A 40 -2.25 3.18 -11.84
CA SER A 40 -2.49 4.22 -12.82
C SER A 40 -3.59 5.18 -12.34
N TYR A 41 -3.69 6.32 -13.00
CA TYR A 41 -4.69 7.32 -12.65
C TYR A 41 -5.30 7.95 -13.90
N HIS A 42 -6.49 8.53 -13.75
CA HIS A 42 -7.17 9.17 -14.86
C HIS A 42 -6.90 10.66 -14.89
N CYS A 43 -5.65 11.02 -14.60
CA CYS A 43 -5.24 12.43 -14.59
C CYS A 43 -5.33 13.02 -15.99
N LYS A 1 10.43 9.27 1.02
CA LYS A 1 9.02 9.02 0.76
C LYS A 1 8.20 10.32 0.89
N PRO A 2 7.00 10.31 0.31
CA PRO A 2 6.10 11.47 0.33
C PRO A 2 5.53 11.71 1.73
N ALA A 3 4.54 12.61 1.81
CA ALA A 3 3.92 12.94 3.08
C ALA A 3 2.73 12.02 3.35
N TRP A 4 2.61 10.97 2.55
CA TRP A 4 1.51 10.01 2.72
C TRP A 4 1.99 8.74 3.40
N CYS A 5 3.12 8.21 2.94
CA CYS A 5 3.69 7.00 3.52
C CYS A 5 4.67 7.33 4.63
N TRP A 6 5.42 6.32 5.07
CA TRP A 6 6.39 6.51 6.14
C TRP A 6 7.52 5.49 6.04
N TYR A 7 7.16 4.25 5.74
CA TYR A 7 8.14 3.18 5.61
C TYR A 7 7.46 1.85 5.25
N THR A 8 8.22 0.76 5.35
CA THR A 8 7.70 -0.55 5.05
C THR A 8 7.28 -1.29 6.32
N LEU A 9 6.94 -0.52 7.36
CA LEU A 9 6.51 -1.10 8.62
C LEU A 9 5.25 -1.93 8.46
N ALA A 10 4.44 -1.57 7.46
CA ALA A 10 3.20 -2.28 7.18
C ALA A 10 2.21 -2.14 8.33
N MET A 11 1.79 -0.90 8.59
CA MET A 11 0.85 -0.62 9.66
C MET A 11 -0.52 -1.23 9.36
N CYS A 12 -1.25 -0.62 8.44
CA CYS A 12 -2.57 -1.09 8.06
C CYS A 12 -2.52 -2.58 7.69
N GLY A 13 -3.67 -3.24 7.80
CA GLY A 13 -3.74 -4.65 7.48
C GLY A 13 -3.52 -5.53 8.69
N ALA A 14 -2.88 -4.98 9.71
CA ALA A 14 -2.61 -5.73 10.94
C ALA A 14 -3.43 -5.19 12.10
N GLY A 15 -4.57 -4.58 11.79
CA GLY A 15 -5.43 -4.03 12.83
C GLY A 15 -5.34 -2.52 12.90
N TYR A 16 -4.27 -1.96 12.34
CA TYR A 16 -4.08 -0.52 12.36
C TYR A 16 -5.25 0.21 11.68
N ASP A 17 -5.83 -0.44 10.68
CA ASP A 17 -6.95 0.14 9.96
C ASP A 17 -8.16 -0.79 10.00
N SER A 18 -9.22 -0.42 9.28
CA SER A 18 -10.44 -1.21 9.24
C SER A 18 -10.32 -2.33 8.21
N GLY A 19 -9.23 -3.07 8.47
CA GLY A 19 -8.38 -3.56 7.41
C GLY A 19 -8.58 -2.80 6.11
N THR A 20 -8.01 -1.61 6.02
CA THR A 20 -8.14 -0.78 4.84
C THR A 20 -6.93 0.15 4.67
N CYS A 21 -6.45 0.27 3.44
CA CYS A 21 -5.30 1.11 3.15
C CYS A 21 -5.58 2.03 1.95
N ASP A 22 -4.57 2.75 1.53
CA ASP A 22 -4.70 3.67 0.39
C ASP A 22 -3.36 3.91 -0.29
N TYR A 23 -2.52 4.72 0.35
CA TYR A 23 -1.20 5.03 -0.19
C TYR A 23 -0.33 3.78 -0.24
N MET A 24 -0.62 2.81 0.63
CA MET A 24 0.13 1.58 0.69
C MET A 24 0.00 0.80 -0.62
N TYR A 25 -1.22 0.73 -1.14
CA TYR A 25 -1.48 0.00 -2.38
C TYR A 25 -0.81 0.70 -3.57
N SER A 26 -0.31 1.91 -3.33
CA SER A 26 0.36 2.68 -4.37
C SER A 26 1.83 2.32 -4.46
N HIS A 27 2.14 1.05 -4.19
CA HIS A 27 3.51 0.56 -4.24
C HIS A 27 4.43 1.42 -3.36
N CYS A 28 4.03 1.59 -2.10
CA CYS A 28 4.82 2.38 -1.16
C CYS A 28 5.32 1.51 0.00
N PHE A 29 4.67 0.37 0.19
CA PHE A 29 5.05 -0.56 1.25
C PHE A 29 5.50 -1.89 0.68
N GLY A 30 4.97 -2.23 -0.48
CA GLY A 30 5.33 -3.49 -1.12
C GLY A 30 4.46 -4.64 -0.64
N VAL A 31 3.22 -4.35 -0.31
CA VAL A 31 2.29 -5.37 0.17
C VAL A 31 1.33 -5.79 -0.93
N LYS A 32 0.94 -4.84 -1.77
CA LYS A 32 0.01 -5.12 -2.87
C LYS A 32 0.62 -6.12 -3.85
N HIS A 33 -0.24 -6.78 -4.61
CA HIS A 33 0.22 -7.77 -5.58
C HIS A 33 1.05 -8.86 -4.92
N SER A 34 0.70 -9.18 -3.68
CA SER A 34 1.42 -10.21 -2.92
C SER A 34 0.70 -11.55 -3.00
N SER A 35 1.46 -12.63 -2.84
CA SER A 35 0.90 -13.97 -2.89
C SER A 35 -0.23 -14.13 -1.88
N GLY A 36 -1.11 -15.09 -2.13
CA GLY A 36 -2.22 -15.34 -1.23
C GLY A 36 -3.53 -14.81 -1.77
N GLY A 37 -3.70 -13.49 -1.72
CA GLY A 37 -4.93 -12.88 -2.22
C GLY A 37 -4.65 -11.64 -3.07
N GLY A 38 -5.50 -11.43 -4.07
CA GLY A 38 -5.32 -10.28 -4.95
C GLY A 38 -6.38 -9.21 -4.70
N GLY A 39 -6.15 -8.03 -5.27
CA GLY A 39 -7.10 -6.94 -5.10
C GLY A 39 -6.64 -5.67 -5.78
N SER A 40 -7.57 -4.96 -6.40
CA SER A 40 -7.26 -3.71 -7.10
C SER A 40 -7.45 -2.51 -6.17
N TYR A 41 -8.71 -2.22 -5.87
CA TYR A 41 -9.03 -1.09 -5.00
C TYR A 41 -10.34 -1.33 -4.26
N HIS A 42 -10.53 -0.63 -3.15
CA HIS A 42 -11.74 -0.77 -2.34
C HIS A 42 -12.76 0.30 -2.72
N CYS A 43 -12.87 0.57 -4.01
CA CYS A 43 -13.81 1.57 -4.50
C CYS A 43 -15.24 1.03 -4.48
N LYS A 1 10.40 9.30 1.24
CA LYS A 1 8.99 9.05 0.96
C LYS A 1 8.17 10.33 1.06
N PRO A 2 6.99 10.34 0.44
CA PRO A 2 6.08 11.48 0.46
C PRO A 2 5.47 11.73 1.83
N ALA A 3 4.47 12.60 1.89
CA ALA A 3 3.80 12.92 3.14
C ALA A 3 2.62 11.98 3.38
N TRP A 4 2.53 10.93 2.57
CA TRP A 4 1.46 9.95 2.69
C TRP A 4 1.96 8.67 3.35
N CYS A 5 3.13 8.22 2.93
CA CYS A 5 3.72 6.99 3.46
C CYS A 5 4.70 7.31 4.59
N TRP A 6 5.46 6.31 5.01
CA TRP A 6 6.43 6.48 6.08
C TRP A 6 7.57 5.48 5.94
N TYR A 7 7.22 4.20 5.84
CA TYR A 7 8.21 3.14 5.72
C TYR A 7 7.55 1.83 5.29
N THR A 8 8.31 0.74 5.39
CA THR A 8 7.80 -0.58 5.01
C THR A 8 7.34 -1.36 6.23
N LEU A 9 6.96 -0.63 7.29
CA LEU A 9 6.50 -1.26 8.52
C LEU A 9 5.18 -2.00 8.30
N ALA A 10 4.39 -1.52 7.34
CA ALA A 10 3.10 -2.13 7.02
C ALA A 10 2.15 -2.03 8.19
N MET A 11 1.78 -0.79 8.56
CA MET A 11 0.87 -0.56 9.67
C MET A 11 -0.50 -1.17 9.38
N CYS A 12 -1.21 -0.60 8.43
CA CYS A 12 -2.53 -1.08 8.06
C CYS A 12 -2.49 -2.57 7.72
N GLY A 13 -3.64 -3.23 7.83
CA GLY A 13 -3.72 -4.65 7.52
C GLY A 13 -3.51 -5.51 8.76
N ALA A 14 -2.88 -4.94 9.77
CA ALA A 14 -2.63 -5.67 11.02
C ALA A 14 -3.47 -5.10 12.16
N GLY A 15 -4.61 -4.50 11.81
CA GLY A 15 -5.49 -3.94 12.82
C GLY A 15 -5.41 -2.42 12.87
N TYR A 16 -4.30 -1.88 12.40
CA TYR A 16 -4.10 -0.43 12.39
C TYR A 16 -5.26 0.27 11.70
N ASP A 17 -5.84 -0.39 10.71
CA ASP A 17 -6.97 0.16 9.96
C ASP A 17 -8.16 -0.78 10.00
N SER A 18 -9.22 -0.42 9.26
CA SER A 18 -10.42 -1.23 9.21
C SER A 18 -10.29 -2.35 8.19
N GLY A 19 -9.19 -3.08 8.48
CA GLY A 19 -8.32 -3.58 7.43
C GLY A 19 -8.52 -2.83 6.12
N THR A 20 -7.96 -1.63 6.04
CA THR A 20 -8.09 -0.82 4.84
C THR A 20 -6.88 0.11 4.68
N CYS A 21 -6.40 0.23 3.44
CA CYS A 21 -5.25 1.09 3.15
C CYS A 21 -5.54 2.00 1.97
N ASP A 22 -4.53 2.76 1.55
CA ASP A 22 -4.68 3.67 0.43
C ASP A 22 -3.34 3.89 -0.27
N TYR A 23 -2.48 4.69 0.34
CA TYR A 23 -1.17 4.99 -0.21
C TYR A 23 -0.30 3.73 -0.28
N MET A 24 -0.61 2.77 0.58
CA MET A 24 0.13 1.51 0.62
C MET A 24 -0.02 0.75 -0.69
N TYR A 25 -1.24 0.70 -1.19
CA TYR A 25 -1.52 -0.01 -2.44
C TYR A 25 -0.86 0.69 -3.63
N SER A 26 -0.34 1.90 -3.38
CA SER A 26 0.32 2.67 -4.43
C SER A 26 1.80 2.29 -4.53
N HIS A 27 2.09 1.04 -4.21
CA HIS A 27 3.47 0.56 -4.27
C HIS A 27 4.39 1.42 -3.41
N CYS A 28 4.02 1.60 -2.15
CA CYS A 28 4.81 2.41 -1.23
C CYS A 28 5.35 1.55 -0.09
N PHE A 29 4.74 0.40 0.12
CA PHE A 29 5.16 -0.52 1.18
C PHE A 29 5.64 -1.84 0.60
N GLY A 30 5.15 -2.17 -0.59
CA GLY A 30 5.54 -3.42 -1.24
C GLY A 30 4.66 -4.58 -0.82
N VAL A 31 3.42 -4.27 -0.44
CA VAL A 31 2.48 -5.31 -0.01
C VAL A 31 1.49 -5.64 -1.14
N LYS A 32 1.15 -4.63 -1.92
CA LYS A 32 0.20 -4.81 -3.03
C LYS A 32 0.74 -5.84 -4.03
N HIS A 33 -0.18 -6.54 -4.69
CA HIS A 33 0.20 -7.55 -5.68
C HIS A 33 0.14 -6.97 -7.09
N SER A 34 1.27 -6.96 -7.78
CA SER A 34 1.35 -6.44 -9.13
C SER A 34 0.32 -7.12 -10.03
N SER A 35 0.05 -6.51 -11.19
CA SER A 35 -0.91 -7.07 -12.14
C SER A 35 -0.39 -8.37 -12.74
N GLY A 36 0.89 -8.37 -13.11
CA GLY A 36 1.49 -9.55 -13.70
C GLY A 36 2.68 -9.23 -14.58
N GLY A 37 2.62 -8.08 -15.26
CA GLY A 37 3.70 -7.67 -16.13
C GLY A 37 4.56 -6.58 -15.52
N GLY A 38 5.46 -6.03 -16.32
CA GLY A 38 6.34 -4.98 -15.83
C GLY A 38 7.08 -5.37 -14.57
N GLY A 39 7.83 -6.47 -14.64
CA GLY A 39 8.57 -6.94 -13.49
C GLY A 39 8.43 -8.43 -13.27
N SER A 40 9.17 -9.22 -14.06
CA SER A 40 9.11 -10.68 -13.95
C SER A 40 10.36 -11.21 -13.27
N TYR A 41 10.53 -10.85 -11.99
CA TYR A 41 11.68 -11.29 -11.22
C TYR A 41 11.50 -12.74 -10.75
N HIS A 42 12.60 -13.40 -10.43
CA HIS A 42 12.56 -14.77 -9.96
C HIS A 42 12.56 -14.83 -8.44
N CYS A 43 11.83 -13.91 -7.82
CA CYS A 43 11.74 -13.86 -6.36
C CYS A 43 10.33 -14.23 -5.90
N LYS A 1 10.46 9.47 1.22
CA LYS A 1 9.06 9.17 0.94
C LYS A 1 8.21 10.43 1.05
N PRO A 2 7.03 10.40 0.42
CA PRO A 2 6.10 11.54 0.44
C PRO A 2 5.48 11.76 1.82
N ALA A 3 4.47 12.63 1.87
CA ALA A 3 3.80 12.94 3.13
C ALA A 3 2.63 11.99 3.37
N TRP A 4 2.56 10.93 2.57
CA TRP A 4 1.49 9.95 2.70
C TRP A 4 1.99 8.68 3.39
N CYS A 5 3.09 8.13 2.89
CA CYS A 5 3.67 6.93 3.46
C CYS A 5 4.62 7.27 4.61
N TRP A 6 5.38 6.28 5.06
CA TRP A 6 6.32 6.48 6.15
C TRP A 6 7.46 5.47 6.07
N TYR A 7 7.12 4.21 5.79
CA TYR A 7 8.12 3.15 5.68
C TYR A 7 7.48 1.84 5.25
N THR A 8 8.23 0.76 5.37
CA THR A 8 7.74 -0.56 4.99
C THR A 8 7.30 -1.37 6.22
N LEU A 9 6.92 -0.66 7.28
CA LEU A 9 6.48 -1.31 8.50
C LEU A 9 5.17 -2.06 8.29
N ALA A 10 4.38 -1.59 7.33
CA ALA A 10 3.11 -2.23 7.03
C ALA A 10 2.14 -2.11 8.20
N MET A 11 1.79 -0.87 8.55
CA MET A 11 0.87 -0.63 9.66
C MET A 11 -0.51 -1.22 9.37
N CYS A 12 -1.21 -0.63 8.42
CA CYS A 12 -2.54 -1.10 8.04
C CYS A 12 -2.51 -2.58 7.70
N GLY A 13 -3.66 -3.25 7.87
CA GLY A 13 -3.75 -4.66 7.58
C GLY A 13 -3.53 -5.52 8.81
N ALA A 14 -2.90 -4.95 9.83
CA ALA A 14 -2.63 -5.67 11.06
C ALA A 14 -3.46 -5.11 12.22
N GLY A 15 -4.58 -4.48 11.88
CA GLY A 15 -5.44 -3.91 12.90
C GLY A 15 -5.36 -2.40 12.95
N TYR A 16 -4.28 -1.86 12.40
CA TYR A 16 -4.07 -0.41 12.39
C TYR A 16 -5.22 0.30 11.67
N ASP A 17 -5.81 -0.39 10.70
CA ASP A 17 -6.92 0.17 9.95
C ASP A 17 -8.15 -0.75 10.01
N SER A 18 -9.19 -0.40 9.26
CA SER A 18 -10.42 -1.18 9.24
C SER A 18 -10.31 -2.32 8.23
N GLY A 19 -9.21 -3.05 8.50
CA GLY A 19 -8.35 -3.55 7.44
C GLY A 19 -8.56 -2.81 6.13
N THR A 20 -7.97 -1.63 6.03
CA THR A 20 -8.09 -0.82 4.82
C THR A 20 -6.89 0.11 4.66
N CYS A 21 -6.39 0.21 3.44
CA CYS A 21 -5.25 1.08 3.15
C CYS A 21 -5.54 1.99 1.96
N ASP A 22 -4.52 2.72 1.52
CA ASP A 22 -4.67 3.64 0.40
C ASP A 22 -3.33 3.88 -0.29
N TYR A 23 -2.48 4.68 0.34
CA TYR A 23 -1.17 4.99 -0.21
C TYR A 23 -0.30 3.74 -0.29
N MET A 24 -0.59 2.76 0.58
CA MET A 24 0.16 1.52 0.61
C MET A 24 0.02 0.76 -0.70
N TYR A 25 -1.21 0.71 -1.22
CA TYR A 25 -1.48 0.01 -2.48
C TYR A 25 -0.81 0.71 -3.65
N SER A 26 -0.31 1.92 -3.39
CA SER A 26 0.37 2.70 -4.43
C SER A 26 1.83 2.31 -4.54
N HIS A 27 2.14 1.04 -4.26
CA HIS A 27 3.51 0.56 -4.32
C HIS A 27 4.43 1.39 -3.46
N CYS A 28 4.06 1.56 -2.19
CA CYS A 28 4.86 2.35 -1.26
C CYS A 28 5.38 1.48 -0.12
N PHE A 29 4.74 0.33 0.08
CA PHE A 29 5.14 -0.59 1.13
C PHE A 29 5.60 -1.92 0.54
N GLY A 30 5.12 -2.23 -0.65
CA GLY A 30 5.49 -3.47 -1.31
C GLY A 30 4.47 -4.57 -1.10
N VAL A 31 3.23 -4.18 -0.83
CA VAL A 31 2.15 -5.14 -0.60
C VAL A 31 1.27 -5.28 -1.84
N LYS A 32 1.11 -4.18 -2.57
CA LYS A 32 0.29 -4.19 -3.78
C LYS A 32 0.79 -5.23 -4.77
N HIS A 33 -0.10 -6.13 -5.17
CA HIS A 33 0.25 -7.18 -6.12
C HIS A 33 0.56 -6.60 -7.49
N SER A 34 1.65 -7.07 -8.10
CA SER A 34 2.06 -6.59 -9.41
C SER A 34 1.73 -7.61 -10.49
N SER A 35 0.54 -8.19 -10.40
CA SER A 35 0.10 -9.20 -11.37
C SER A 35 -0.24 -8.54 -12.71
N GLY A 36 0.80 -8.25 -13.50
CA GLY A 36 0.58 -7.63 -14.79
C GLY A 36 1.87 -7.47 -15.57
N GLY A 37 1.74 -7.11 -16.85
CA GLY A 37 2.92 -6.94 -17.68
C GLY A 37 3.16 -5.48 -18.04
N GLY A 38 2.59 -5.05 -19.17
CA GLY A 38 2.76 -3.68 -19.60
C GLY A 38 4.08 -3.46 -20.31
N GLY A 39 4.27 -2.26 -20.87
CA GLY A 39 5.49 -1.94 -21.57
C GLY A 39 5.57 -0.49 -21.97
N SER A 40 4.54 0.01 -22.64
CA SER A 40 4.50 1.39 -23.09
C SER A 40 3.42 2.17 -22.34
N TYR A 41 3.37 1.98 -21.02
CA TYR A 41 2.38 2.68 -20.20
C TYR A 41 3.01 3.87 -19.48
N HIS A 42 2.16 4.79 -19.03
CA HIS A 42 2.63 5.98 -18.33
C HIS A 42 2.58 5.77 -16.83
N CYS A 43 2.90 4.55 -16.38
CA CYS A 43 2.90 4.22 -14.97
C CYS A 43 4.25 4.55 -14.34
N LYS A 1 10.52 9.47 1.21
CA LYS A 1 9.12 9.18 0.93
C LYS A 1 8.27 10.43 1.02
N PRO A 2 7.08 10.40 0.40
CA PRO A 2 6.15 11.53 0.38
C PRO A 2 5.54 11.79 1.76
N ALA A 3 4.53 12.65 1.79
CA ALA A 3 3.85 12.98 3.04
C ALA A 3 2.69 12.03 3.30
N TRP A 4 2.61 10.96 2.51
CA TRP A 4 1.54 9.98 2.66
C TRP A 4 2.05 8.72 3.36
N CYS A 5 3.14 8.16 2.84
CA CYS A 5 3.72 6.96 3.41
C CYS A 5 4.66 7.31 4.56
N TRP A 6 5.43 6.32 5.02
CA TRP A 6 6.37 6.53 6.11
C TRP A 6 7.51 5.52 6.05
N TYR A 7 7.16 4.27 5.76
CA TYR A 7 8.15 3.20 5.67
C TYR A 7 7.50 1.89 5.25
N THR A 8 8.25 0.80 5.39
CA THR A 8 7.74 -0.53 5.02
C THR A 8 7.32 -1.31 6.25
N LEU A 9 6.94 -0.60 7.30
CA LEU A 9 6.50 -1.24 8.55
C LEU A 9 5.21 -2.01 8.34
N ALA A 10 4.41 -1.57 7.37
CA ALA A 10 3.14 -2.23 7.08
C ALA A 10 2.17 -2.11 8.25
N MET A 11 1.79 -0.88 8.59
CA MET A 11 0.87 -0.64 9.70
C MET A 11 -0.50 -1.23 9.39
N CYS A 12 -1.22 -0.60 8.47
CA CYS A 12 -2.55 -1.07 8.09
C CYS A 12 -2.53 -2.55 7.73
N GLY A 13 -3.68 -3.20 7.85
CA GLY A 13 -3.78 -4.61 7.53
C GLY A 13 -3.57 -5.49 8.75
N ALA A 14 -2.90 -4.96 9.76
CA ALA A 14 -2.63 -5.71 10.98
C ALA A 14 -3.44 -5.15 12.14
N GLY A 15 -4.60 -4.58 11.84
CA GLY A 15 -5.46 -4.03 12.86
C GLY A 15 -5.36 -2.51 12.94
N TYR A 16 -4.30 -1.96 12.36
CA TYR A 16 -4.10 -0.52 12.37
C TYR A 16 -5.26 0.21 11.69
N ASP A 17 -5.86 -0.46 10.70
CA ASP A 17 -6.99 0.12 9.97
C ASP A 17 -8.18 -0.82 10.00
N SER A 18 -9.24 -0.46 9.26
CA SER A 18 -10.45 -1.26 9.21
C SER A 18 -10.31 -2.37 8.17
N GLY A 19 -9.22 -3.10 8.44
CA GLY A 19 -8.36 -3.58 7.37
C GLY A 19 -8.56 -2.82 6.08
N THR A 20 -7.99 -1.62 6.01
CA THR A 20 -8.11 -0.78 4.83
C THR A 20 -6.91 0.14 4.68
N CYS A 21 -6.42 0.29 3.46
CA CYS A 21 -5.27 1.14 3.18
C CYS A 21 -5.55 2.06 1.99
N ASP A 22 -4.53 2.79 1.57
CA ASP A 22 -4.67 3.70 0.44
C ASP A 22 -3.32 3.92 -0.25
N TYR A 23 -2.46 4.71 0.37
CA TYR A 23 -1.15 5.00 -0.19
C TYR A 23 -0.30 3.73 -0.25
N MET A 24 -0.60 2.78 0.62
CA MET A 24 0.13 1.52 0.66
C MET A 24 -0.03 0.75 -0.64
N TYR A 25 -1.26 0.71 -1.15
CA TYR A 25 -1.56 -0.01 -2.39
C TYR A 25 -0.88 0.68 -3.58
N SER A 26 -0.36 1.87 -3.34
CA SER A 26 0.31 2.64 -4.40
C SER A 26 1.77 2.24 -4.51
N HIS A 27 2.06 0.98 -4.20
CA HIS A 27 3.43 0.48 -4.27
C HIS A 27 4.37 1.33 -3.42
N CYS A 28 4.01 1.51 -2.15
CA CYS A 28 4.81 2.30 -1.23
C CYS A 28 5.34 1.45 -0.09
N PHE A 29 4.70 0.30 0.13
CA PHE A 29 5.11 -0.61 1.19
C PHE A 29 5.55 -1.96 0.61
N GLY A 30 5.01 -2.31 -0.55
CA GLY A 30 5.37 -3.56 -1.19
C GLY A 30 4.50 -4.71 -0.72
N VAL A 31 3.25 -4.40 -0.36
CA VAL A 31 2.31 -5.41 0.11
C VAL A 31 1.35 -5.82 -1.00
N LYS A 32 1.02 -4.87 -1.87
CA LYS A 32 0.10 -5.15 -2.97
C LYS A 32 0.55 -6.37 -3.77
N HIS A 33 -0.43 -7.14 -4.24
CA HIS A 33 -0.13 -8.33 -5.02
C HIS A 33 0.37 -7.98 -6.41
N SER A 34 0.57 -8.99 -7.25
CA SER A 34 1.05 -8.79 -8.61
C SER A 34 -0.04 -8.19 -9.49
N SER A 35 0.07 -6.89 -9.77
CA SER A 35 -0.91 -6.21 -10.60
C SER A 35 -0.67 -6.50 -12.07
N GLY A 36 -1.01 -7.72 -12.51
CA GLY A 36 -0.82 -8.09 -13.89
C GLY A 36 -1.47 -7.12 -14.85
N GLY A 37 -0.69 -6.62 -15.80
CA GLY A 37 -1.22 -5.68 -16.77
C GLY A 37 -0.96 -4.24 -16.38
N GLY A 38 -0.20 -3.53 -17.21
CA GLY A 38 0.12 -2.14 -16.93
C GLY A 38 1.47 -1.97 -16.27
N GLY A 39 2.42 -1.43 -17.02
CA GLY A 39 3.75 -1.22 -16.49
C GLY A 39 4.09 0.24 -16.30
N SER A 40 5.37 0.54 -16.09
CA SER A 40 5.81 1.92 -15.88
C SER A 40 7.01 2.24 -16.77
N TYR A 41 7.54 3.45 -16.62
CA TYR A 41 8.70 3.88 -17.40
C TYR A 41 10.00 3.41 -16.76
N HIS A 42 11.07 3.39 -17.55
CA HIS A 42 12.37 2.97 -17.07
C HIS A 42 13.21 4.17 -16.64
N CYS A 43 12.55 5.16 -16.06
CA CYS A 43 13.24 6.37 -15.61
C CYS A 43 13.82 6.18 -14.23
N LYS A 1 10.36 9.37 1.13
CA LYS A 1 8.95 9.10 0.89
C LYS A 1 8.11 10.37 1.05
N PRO A 2 6.91 10.36 0.47
CA PRO A 2 5.99 11.50 0.53
C PRO A 2 5.42 11.71 1.93
N ALA A 3 4.42 12.56 2.03
CA ALA A 3 3.78 12.85 3.32
C ALA A 3 2.62 11.89 3.59
N TRP A 4 2.52 10.85 2.76
CA TRP A 4 1.47 9.85 2.91
C TRP A 4 2.01 8.57 3.52
N CYS A 5 3.16 8.12 3.03
CA CYS A 5 3.78 6.90 3.54
C CYS A 5 4.71 7.21 4.70
N TRP A 6 5.51 6.22 5.10
CA TRP A 6 6.44 6.39 6.20
C TRP A 6 7.57 5.36 6.11
N TYR A 7 7.22 4.13 5.77
CA TYR A 7 8.21 3.06 5.65
C TYR A 7 7.56 1.76 5.20
N THR A 8 8.30 0.66 5.30
CA THR A 8 7.80 -0.65 4.91
C THR A 8 7.29 -1.42 6.12
N LEU A 9 6.92 -0.70 7.17
CA LEU A 9 6.41 -1.33 8.39
C LEU A 9 5.06 -1.98 8.14
N ALA A 10 4.31 -1.44 7.18
CA ALA A 10 3.00 -1.98 6.85
C ALA A 10 2.03 -1.81 8.01
N MET A 11 1.75 -0.56 8.37
CA MET A 11 0.84 -0.27 9.47
C MET A 11 -0.50 -0.99 9.28
N CYS A 12 -1.28 -0.53 8.30
CA CYS A 12 -2.57 -1.13 8.01
C CYS A 12 -2.44 -2.63 7.80
N GLY A 13 -3.56 -3.35 7.96
CA GLY A 13 -3.54 -4.78 7.79
C GLY A 13 -3.43 -5.53 9.12
N ALA A 14 -2.69 -4.95 10.05
CA ALA A 14 -2.51 -5.56 11.36
C ALA A 14 -3.46 -4.96 12.39
N GLY A 15 -4.58 -4.41 11.91
CA GLY A 15 -5.55 -3.81 12.80
C GLY A 15 -5.46 -2.30 12.82
N TYR A 16 -4.33 -1.77 12.38
CA TYR A 16 -4.12 -0.32 12.35
C TYR A 16 -5.27 0.38 11.63
N ASP A 17 -5.87 -0.32 10.67
CA ASP A 17 -6.98 0.24 9.91
C ASP A 17 -8.20 -0.68 9.98
N SER A 18 -9.24 -0.33 9.22
CA SER A 18 -10.47 -1.12 9.20
C SER A 18 -10.35 -2.28 8.22
N GLY A 19 -9.28 -3.02 8.53
CA GLY A 19 -8.41 -3.57 7.50
C GLY A 19 -8.58 -2.87 6.17
N THR A 20 -8.00 -1.69 6.05
CA THR A 20 -8.10 -0.91 4.81
C THR A 20 -6.88 -0.02 4.62
N CYS A 21 -6.38 0.05 3.40
CA CYS A 21 -5.22 0.87 3.08
C CYS A 21 -5.52 1.82 1.93
N ASP A 22 -4.51 2.56 1.50
CA ASP A 22 -4.66 3.52 0.41
C ASP A 22 -3.32 3.79 -0.27
N TYR A 23 -2.48 4.58 0.40
CA TYR A 23 -1.17 4.91 -0.15
C TYR A 23 -0.30 3.67 -0.27
N MET A 24 -0.58 2.67 0.55
CA MET A 24 0.18 1.42 0.54
C MET A 24 0.04 0.72 -0.81
N TYR A 25 -1.18 0.67 -1.33
CA TYR A 25 -1.44 0.03 -2.61
C TYR A 25 -0.78 0.79 -3.76
N SER A 26 -0.28 1.98 -3.45
CA SER A 26 0.38 2.82 -4.45
C SER A 26 1.85 2.45 -4.57
N HIS A 27 2.17 1.19 -4.30
CA HIS A 27 3.55 0.71 -4.38
C HIS A 27 4.47 1.56 -3.52
N CYS A 28 4.10 1.73 -2.25
CA CYS A 28 4.90 2.52 -1.33
C CYS A 28 5.42 1.64 -0.18
N PHE A 29 4.82 0.48 -0.01
CA PHE A 29 5.22 -0.45 1.05
C PHE A 29 5.72 -1.76 0.45
N GLY A 30 5.25 -2.07 -0.75
CA GLY A 30 5.66 -3.30 -1.41
C GLY A 30 4.83 -4.50 -0.96
N VAL A 31 3.57 -4.25 -0.61
CA VAL A 31 2.68 -5.31 -0.16
C VAL A 31 1.72 -5.72 -1.27
N LYS A 32 1.34 -4.76 -2.12
CA LYS A 32 0.44 -5.03 -3.22
C LYS A 32 0.91 -6.22 -4.04
N HIS A 33 -0.02 -7.07 -4.45
CA HIS A 33 0.30 -8.25 -5.25
C HIS A 33 -0.30 -8.13 -6.65
N SER A 34 -1.50 -7.59 -6.73
CA SER A 34 -2.18 -7.42 -8.01
C SER A 34 -1.45 -6.42 -8.90
N SER A 35 -1.66 -6.55 -10.21
CA SER A 35 -1.01 -5.65 -11.17
C SER A 35 -1.93 -4.50 -11.55
N GLY A 36 -1.78 -3.38 -10.86
CA GLY A 36 -2.61 -2.21 -11.13
C GLY A 36 -3.96 -2.29 -10.45
N GLY A 37 -4.86 -1.38 -10.82
CA GLY A 37 -6.19 -1.37 -10.23
C GLY A 37 -7.24 -0.82 -11.17
N GLY A 38 -7.34 0.51 -11.23
CA GLY A 38 -8.31 1.15 -12.09
C GLY A 38 -9.71 1.15 -11.49
N GLY A 39 -10.54 2.07 -11.97
CA GLY A 39 -11.91 2.16 -11.45
C GLY A 39 -11.96 2.81 -10.08
N SER A 40 -11.31 3.96 -9.94
CA SER A 40 -11.30 4.66 -8.67
C SER A 40 -12.58 5.48 -8.47
N TYR A 41 -13.48 4.96 -7.66
CA TYR A 41 -14.75 5.63 -7.39
C TYR A 41 -15.42 5.05 -6.16
N HIS A 42 -16.33 5.83 -5.57
CA HIS A 42 -17.05 5.39 -4.38
C HIS A 42 -18.40 4.77 -4.75
N CYS A 43 -18.40 3.99 -5.84
CA CYS A 43 -19.62 3.34 -6.31
C CYS A 43 -19.85 2.03 -5.56
N LYS A 1 10.45 9.45 1.19
CA LYS A 1 9.05 9.16 0.91
C LYS A 1 8.20 10.43 1.01
N PRO A 2 7.02 10.40 0.39
CA PRO A 2 6.09 11.54 0.39
C PRO A 2 5.48 11.79 1.76
N ALA A 3 4.47 12.65 1.81
CA ALA A 3 3.80 12.97 3.07
C ALA A 3 2.63 12.03 3.33
N TRP A 4 2.57 10.96 2.54
CA TRP A 4 1.49 9.97 2.68
C TRP A 4 2.01 8.71 3.37
N CYS A 5 3.10 8.16 2.86
CA CYS A 5 3.69 6.95 3.43
C CYS A 5 4.64 7.30 4.57
N TRP A 6 5.40 6.30 5.02
CA TRP A 6 6.35 6.51 6.10
C TRP A 6 7.49 5.50 6.01
N TYR A 7 7.14 4.23 5.82
CA TYR A 7 8.14 3.17 5.72
C TYR A 7 7.50 1.86 5.28
N THR A 8 8.25 0.76 5.41
CA THR A 8 7.75 -0.55 5.05
C THR A 8 7.33 -1.35 6.27
N LEU A 9 6.92 -0.64 7.32
CA LEU A 9 6.49 -1.28 8.55
C LEU A 9 5.18 -2.04 8.34
N ALA A 10 4.39 -1.59 7.38
CA ALA A 10 3.12 -2.24 7.06
C ALA A 10 2.16 -2.13 8.24
N MET A 11 1.79 -0.91 8.58
CA MET A 11 0.86 -0.67 9.69
C MET A 11 -0.51 -1.25 9.38
N CYS A 12 -1.23 -0.62 8.46
CA CYS A 12 -2.56 -1.08 8.08
C CYS A 12 -2.54 -2.55 7.71
N GLY A 13 -3.70 -3.21 7.84
CA GLY A 13 -3.79 -4.62 7.51
C GLY A 13 -3.56 -5.51 8.72
N ALA A 14 -2.89 -4.97 9.74
CA ALA A 14 -2.62 -5.72 10.96
C ALA A 14 -3.43 -5.18 12.13
N GLY A 15 -4.57 -4.57 11.82
CA GLY A 15 -5.42 -4.02 12.86
C GLY A 15 -5.32 -2.50 12.95
N TYR A 16 -4.26 -1.95 12.37
CA TYR A 16 -4.06 -0.51 12.38
C TYR A 16 -5.21 0.22 11.70
N ASP A 17 -5.80 -0.44 10.70
CA ASP A 17 -6.92 0.14 9.95
C ASP A 17 -8.14 -0.77 10.02
N SER A 18 -9.18 -0.40 9.29
CA SER A 18 -10.42 -1.17 9.26
C SER A 18 -10.32 -2.29 8.23
N GLY A 19 -9.23 -3.03 8.48
CA GLY A 19 -8.38 -3.53 7.40
C GLY A 19 -8.59 -2.77 6.11
N THR A 20 -7.99 -1.58 6.02
CA THR A 20 -8.12 -0.75 4.83
C THR A 20 -6.91 0.18 4.68
N CYS A 21 -6.42 0.30 3.45
CA CYS A 21 -5.27 1.15 3.18
C CYS A 21 -5.56 2.07 1.98
N ASP A 22 -4.52 2.77 1.52
CA ASP A 22 -4.65 3.67 0.39
C ASP A 22 -3.31 3.89 -0.29
N TYR A 23 -2.46 4.70 0.33
CA TYR A 23 -1.14 4.99 -0.21
C TYR A 23 -0.27 3.73 -0.27
N MET A 24 -0.59 2.78 0.60
CA MET A 24 0.16 1.52 0.65
C MET A 24 0.01 0.75 -0.66
N TYR A 25 -1.22 0.70 -1.17
CA TYR A 25 -1.49 -0.01 -2.41
C TYR A 25 -0.82 0.68 -3.59
N SER A 26 -0.31 1.88 -3.36
CA SER A 26 0.35 2.65 -4.41
C SER A 26 1.83 2.25 -4.51
N HIS A 27 2.13 0.99 -4.21
CA HIS A 27 3.49 0.50 -4.28
C HIS A 27 4.42 1.35 -3.42
N CYS A 28 4.05 1.53 -2.16
CA CYS A 28 4.84 2.32 -1.23
C CYS A 28 5.37 1.47 -0.08
N PHE A 29 4.74 0.32 0.13
CA PHE A 29 5.14 -0.59 1.19
C PHE A 29 5.60 -1.93 0.61
N GLY A 30 5.12 -2.25 -0.59
CA GLY A 30 5.48 -3.50 -1.23
C GLY A 30 4.46 -4.59 -1.00
N VAL A 31 3.23 -4.20 -0.73
CA VAL A 31 2.15 -5.16 -0.49
C VAL A 31 1.27 -5.31 -1.72
N LYS A 32 1.10 -4.22 -2.46
CA LYS A 32 0.27 -4.24 -3.66
C LYS A 32 0.76 -5.29 -4.65
N HIS A 33 -0.14 -6.18 -5.05
CA HIS A 33 0.21 -7.25 -5.99
C HIS A 33 0.27 -6.71 -7.41
N SER A 34 0.52 -7.60 -8.37
CA SER A 34 0.62 -7.21 -9.77
C SER A 34 -0.63 -7.64 -10.54
N SER A 35 -1.32 -6.68 -11.13
CA SER A 35 -2.53 -6.96 -11.89
C SER A 35 -2.20 -7.28 -13.35
N GLY A 36 -1.07 -6.74 -13.82
CA GLY A 36 -0.66 -6.98 -15.19
C GLY A 36 -1.33 -6.04 -16.17
N GLY A 37 -0.71 -4.88 -16.39
CA GLY A 37 -1.26 -3.90 -17.31
C GLY A 37 -0.24 -3.41 -18.32
N GLY A 38 0.80 -4.20 -18.53
CA GLY A 38 1.83 -3.82 -19.48
C GLY A 38 3.06 -3.25 -18.80
N GLY A 39 2.89 -2.80 -17.56
CA GLY A 39 4.01 -2.23 -16.82
C GLY A 39 4.61 -3.21 -15.84
N SER A 40 4.42 -2.96 -14.55
CA SER A 40 4.95 -3.82 -13.50
C SER A 40 6.46 -3.99 -13.66
N TYR A 41 7.14 -2.88 -13.92
CA TYR A 41 8.59 -2.89 -14.09
C TYR A 41 9.30 -3.16 -12.77
N HIS A 42 10.54 -3.62 -12.85
CA HIS A 42 11.32 -3.91 -11.65
C HIS A 42 12.20 -2.72 -11.28
N CYS A 43 11.66 -1.52 -11.43
CA CYS A 43 12.40 -0.30 -11.11
C CYS A 43 11.90 0.31 -9.80
N LYS A 1 10.47 9.45 1.06
CA LYS A 1 9.06 9.17 0.81
C LYS A 1 8.22 10.44 0.91
N PRO A 2 7.01 10.40 0.32
CA PRO A 2 6.09 11.54 0.34
C PRO A 2 5.51 11.80 1.73
N ALA A 3 4.50 12.66 1.79
CA ALA A 3 3.86 12.98 3.05
C ALA A 3 2.70 12.04 3.34
N TRP A 4 2.60 10.96 2.56
CA TRP A 4 1.54 9.98 2.73
C TRP A 4 2.07 8.72 3.42
N CYS A 5 3.16 8.18 2.89
CA CYS A 5 3.76 6.98 3.45
C CYS A 5 4.71 7.32 4.59
N TRP A 6 5.48 6.33 5.03
CA TRP A 6 6.43 6.54 6.12
C TRP A 6 7.55 5.51 6.06
N TYR A 7 7.20 4.27 5.76
CA TYR A 7 8.18 3.19 5.67
C TYR A 7 7.52 1.88 5.24
N THR A 8 8.26 0.78 5.37
CA THR A 8 7.75 -0.52 4.99
C THR A 8 7.30 -1.32 6.21
N LEU A 9 6.93 -0.60 7.26
CA LEU A 9 6.48 -1.25 8.50
C LEU A 9 5.18 -2.00 8.27
N ALA A 10 4.37 -1.53 7.34
CA ALA A 10 3.10 -2.16 7.02
C ALA A 10 2.15 -2.10 8.21
N MET A 11 1.76 -0.88 8.58
CA MET A 11 0.85 -0.68 9.70
C MET A 11 -0.52 -1.27 9.40
N CYS A 12 -1.23 -0.64 8.46
CA CYS A 12 -2.56 -1.11 8.08
C CYS A 12 -2.54 -2.60 7.74
N GLY A 13 -3.70 -3.24 7.85
CA GLY A 13 -3.80 -4.66 7.56
C GLY A 13 -3.60 -5.53 8.79
N ALA A 14 -2.92 -4.99 9.79
CA ALA A 14 -2.66 -5.72 11.02
C ALA A 14 -3.50 -5.17 12.17
N GLY A 15 -4.62 -4.55 11.82
CA GLY A 15 -5.49 -3.98 12.84
C GLY A 15 -5.40 -2.46 12.91
N TYR A 16 -4.32 -1.92 12.37
CA TYR A 16 -4.11 -0.48 12.37
C TYR A 16 -5.26 0.25 11.67
N ASP A 17 -5.89 -0.44 10.72
CA ASP A 17 -6.99 0.13 9.97
C ASP A 17 -8.21 -0.81 10.01
N SER A 18 -9.24 -0.45 9.26
CA SER A 18 -10.47 -1.24 9.21
C SER A 18 -10.34 -2.37 8.19
N GLY A 19 -9.25 -3.10 8.46
CA GLY A 19 -8.38 -3.59 7.42
C GLY A 19 -8.57 -2.84 6.10
N THR A 20 -8.00 -1.65 6.03
CA THR A 20 -8.10 -0.83 4.83
C THR A 20 -6.90 0.10 4.68
N CYS A 21 -6.41 0.23 3.46
CA CYS A 21 -5.26 1.08 3.18
C CYS A 21 -5.54 2.01 2.00
N ASP A 22 -4.52 2.75 1.59
CA ASP A 22 -4.65 3.67 0.46
C ASP A 22 -3.30 3.89 -0.22
N TYR A 23 -2.45 4.69 0.41
CA TYR A 23 -1.14 5.00 -0.14
C TYR A 23 -0.28 3.73 -0.21
N MET A 24 -0.58 2.77 0.64
CA MET A 24 0.16 1.51 0.68
C MET A 24 0.01 0.76 -0.63
N TYR A 25 -1.21 0.71 -1.15
CA TYR A 25 -1.50 0.02 -2.40
C TYR A 25 -0.82 0.72 -3.58
N SER A 26 -0.30 1.91 -3.32
CA SER A 26 0.37 2.70 -4.36
C SER A 26 1.84 2.29 -4.47
N HIS A 27 2.13 1.02 -4.19
CA HIS A 27 3.49 0.51 -4.28
C HIS A 27 4.43 1.35 -3.41
N CYS A 28 4.04 1.57 -2.17
CA CYS A 28 4.84 2.36 -1.24
C CYS A 28 5.36 1.49 -0.09
N PHE A 29 4.71 0.35 0.11
CA PHE A 29 5.10 -0.57 1.17
C PHE A 29 5.53 -1.92 0.59
N GLY A 30 5.01 -2.25 -0.59
CA GLY A 30 5.35 -3.50 -1.23
C GLY A 30 4.52 -4.66 -0.71
N VAL A 31 3.26 -4.38 -0.36
CA VAL A 31 2.37 -5.40 0.15
C VAL A 31 1.39 -5.85 -0.92
N LYS A 32 1.03 -4.94 -1.82
CA LYS A 32 0.10 -5.23 -2.90
C LYS A 32 0.55 -6.47 -3.68
N HIS A 33 -0.37 -7.41 -3.88
CA HIS A 33 -0.06 -8.64 -4.60
C HIS A 33 0.41 -8.32 -6.02
N SER A 34 0.74 -9.36 -6.77
CA SER A 34 1.22 -9.20 -8.14
C SER A 34 2.36 -8.19 -8.19
N SER A 35 3.31 -8.32 -7.28
CA SER A 35 4.46 -7.42 -7.23
C SER A 35 5.51 -7.82 -8.24
N GLY A 36 5.22 -7.60 -9.52
CA GLY A 36 6.15 -7.94 -10.57
C GLY A 36 6.23 -6.87 -11.65
N GLY A 37 6.66 -5.68 -11.25
CA GLY A 37 6.78 -4.59 -12.20
C GLY A 37 7.99 -3.73 -11.95
N GLY A 38 8.97 -4.28 -11.24
CA GLY A 38 10.19 -3.54 -10.93
C GLY A 38 11.38 -4.02 -11.75
N GLY A 39 12.17 -4.91 -11.17
CA GLY A 39 13.34 -5.42 -11.87
C GLY A 39 14.39 -5.95 -10.92
N SER A 40 15.54 -5.28 -10.88
CA SER A 40 16.64 -5.69 -10.01
C SER A 40 16.24 -5.58 -8.54
N TYR A 41 16.72 -6.51 -7.73
CA TYR A 41 16.41 -6.51 -6.31
C TYR A 41 17.46 -7.32 -5.53
N HIS A 42 17.51 -7.08 -4.22
CA HIS A 42 18.46 -7.78 -3.36
C HIS A 42 17.81 -9.00 -2.72
N CYS A 43 16.99 -9.70 -3.49
CA CYS A 43 16.30 -10.89 -3.00
C CYS A 43 16.68 -12.12 -3.82
N LYS A 1 10.40 9.36 1.15
CA LYS A 1 8.99 9.09 0.90
C LYS A 1 8.16 10.36 1.03
N PRO A 2 6.95 10.34 0.44
CA PRO A 2 6.03 11.49 0.48
C PRO A 2 5.46 11.72 1.87
N ALA A 3 4.45 12.59 1.96
CA ALA A 3 3.82 12.90 3.23
C ALA A 3 2.66 11.94 3.51
N TRP A 4 2.56 10.88 2.71
CA TRP A 4 1.50 9.89 2.88
C TRP A 4 2.05 8.61 3.48
N CYS A 5 3.22 8.18 2.98
CA CYS A 5 3.86 6.96 3.47
C CYS A 5 4.79 7.26 4.63
N TRP A 6 5.59 6.27 5.02
CA TRP A 6 6.52 6.43 6.11
C TRP A 6 7.65 5.40 6.03
N TYR A 7 7.28 4.15 5.79
CA TYR A 7 8.25 3.07 5.68
C TYR A 7 7.58 1.77 5.22
N THR A 8 8.32 0.67 5.33
CA THR A 8 7.81 -0.63 4.92
C THR A 8 7.29 -1.41 6.11
N LEU A 9 6.91 -0.69 7.17
CA LEU A 9 6.40 -1.32 8.38
C LEU A 9 5.04 -1.96 8.13
N ALA A 10 4.30 -1.39 7.17
CA ALA A 10 2.97 -1.91 6.82
C ALA A 10 2.00 -1.77 8.00
N MET A 11 1.74 -0.53 8.40
CA MET A 11 0.83 -0.27 9.51
C MET A 11 -0.50 -0.99 9.30
N CYS A 12 -1.27 -0.54 8.32
CA CYS A 12 -2.57 -1.15 8.02
C CYS A 12 -2.43 -2.65 7.80
N GLY A 13 -3.53 -3.37 8.02
CA GLY A 13 -3.51 -4.81 7.83
C GLY A 13 -3.40 -5.55 9.15
N ALA A 14 -2.68 -4.98 10.11
CA ALA A 14 -2.50 -5.59 11.42
C ALA A 14 -3.48 -5.00 12.43
N GLY A 15 -4.60 -4.47 11.93
CA GLY A 15 -5.60 -3.89 12.82
C GLY A 15 -5.51 -2.38 12.86
N TYR A 16 -4.40 -1.83 12.38
CA TYR A 16 -4.20 -0.39 12.37
C TYR A 16 -5.34 0.32 11.64
N ASP A 17 -5.93 -0.38 10.68
CA ASP A 17 -7.04 0.17 9.91
C ASP A 17 -8.26 -0.75 9.96
N SER A 18 -9.29 -0.39 9.20
CA SER A 18 -10.51 -1.18 9.16
C SER A 18 -10.38 -2.34 8.17
N GLY A 19 -9.31 -3.08 8.49
CA GLY A 19 -8.43 -3.61 7.46
C GLY A 19 -8.60 -2.90 6.13
N THR A 20 -8.03 -1.71 6.02
CA THR A 20 -8.11 -0.93 4.79
C THR A 20 -6.89 -0.02 4.62
N CYS A 21 -6.39 0.06 3.40
CA CYS A 21 -5.23 0.89 3.11
C CYS A 21 -5.52 1.85 1.97
N ASP A 22 -4.51 2.60 1.55
CA ASP A 22 -4.65 3.56 0.46
C ASP A 22 -3.31 3.82 -0.22
N TYR A 23 -2.46 4.60 0.43
CA TYR A 23 -1.15 4.93 -0.11
C TYR A 23 -0.28 3.69 -0.24
N MET A 24 -0.58 2.68 0.58
CA MET A 24 0.17 1.44 0.56
C MET A 24 0.03 0.73 -0.78
N TYR A 25 -1.20 0.70 -1.30
CA TYR A 25 -1.48 0.06 -2.58
C TYR A 25 -0.82 0.82 -3.72
N SER A 26 -0.29 2.00 -3.42
CA SER A 26 0.36 2.83 -4.41
C SER A 26 1.83 2.45 -4.57
N HIS A 27 2.13 1.19 -4.27
CA HIS A 27 3.51 0.70 -4.37
C HIS A 27 4.45 1.55 -3.53
N CYS A 28 4.09 1.73 -2.25
CA CYS A 28 4.91 2.52 -1.34
C CYS A 28 5.43 1.67 -0.19
N PHE A 29 4.81 0.51 -0.01
CA PHE A 29 5.21 -0.41 1.06
C PHE A 29 5.70 -1.74 0.47
N GLY A 30 5.24 -2.05 -0.74
CA GLY A 30 5.63 -3.30 -1.38
C GLY A 30 4.79 -4.47 -0.93
N VAL A 31 3.55 -4.19 -0.54
CA VAL A 31 2.64 -5.23 -0.09
C VAL A 31 1.64 -5.60 -1.18
N LYS A 32 1.25 -4.60 -1.97
CA LYS A 32 0.30 -4.82 -3.06
C LYS A 32 0.88 -5.74 -4.12
N HIS A 33 0.00 -6.47 -4.81
CA HIS A 33 0.44 -7.40 -5.85
C HIS A 33 -0.05 -6.93 -7.23
N SER A 34 0.84 -7.00 -8.21
CA SER A 34 0.49 -6.58 -9.57
C SER A 34 -0.78 -7.27 -10.05
N SER A 35 -1.58 -6.55 -10.82
CA SER A 35 -2.83 -7.09 -11.35
C SER A 35 -2.58 -8.40 -12.08
N GLY A 36 -3.66 -9.11 -12.40
CA GLY A 36 -3.55 -10.38 -13.09
C GLY A 36 -3.82 -11.56 -12.18
N GLY A 37 -5.08 -11.99 -12.13
CA GLY A 37 -5.44 -13.12 -11.29
C GLY A 37 -6.56 -13.95 -11.90
N GLY A 38 -6.41 -15.27 -11.84
CA GLY A 38 -7.42 -16.16 -12.39
C GLY A 38 -8.22 -16.86 -11.31
N GLY A 39 -8.46 -16.16 -10.21
CA GLY A 39 -9.22 -16.74 -9.11
C GLY A 39 -10.70 -16.45 -9.21
N SER A 40 -11.48 -16.99 -8.27
CA SER A 40 -12.92 -16.77 -8.26
C SER A 40 -13.31 -15.70 -7.25
N TYR A 41 -14.39 -14.99 -7.53
CA TYR A 41 -14.86 -13.93 -6.64
C TYR A 41 -16.06 -14.41 -5.82
N HIS A 42 -16.31 -13.71 -4.71
CA HIS A 42 -17.43 -14.06 -3.84
C HIS A 42 -18.67 -13.25 -4.18
N CYS A 43 -18.89 -13.04 -5.47
CA CYS A 43 -20.05 -12.28 -5.93
C CYS A 43 -21.34 -12.83 -5.33
N LYS A 1 10.39 9.35 1.23
CA LYS A 1 8.98 9.08 0.95
C LYS A 1 8.15 10.35 1.11
N PRO A 2 6.96 10.35 0.50
CA PRO A 2 6.04 11.49 0.55
C PRO A 2 5.45 11.70 1.94
N ALA A 3 4.44 12.56 2.03
CA ALA A 3 3.79 12.85 3.30
C ALA A 3 2.63 11.89 3.55
N TRP A 4 2.54 10.86 2.73
CA TRP A 4 1.47 9.87 2.85
C TRP A 4 2.00 8.58 3.49
N CYS A 5 3.15 8.13 3.01
CA CYS A 5 3.76 6.91 3.53
C CYS A 5 4.72 7.22 4.67
N TRP A 6 5.50 6.22 5.07
CA TRP A 6 6.45 6.39 6.16
C TRP A 6 7.58 5.37 6.06
N TYR A 7 7.22 4.12 5.82
CA TYR A 7 8.20 3.04 5.70
C TYR A 7 7.54 1.75 5.24
N THR A 8 8.28 0.65 5.35
CA THR A 8 7.77 -0.66 4.94
C THR A 8 7.26 -1.45 6.14
N LEU A 9 6.88 -0.74 7.20
CA LEU A 9 6.37 -1.38 8.41
C LEU A 9 5.02 -2.02 8.16
N ALA A 10 4.28 -1.48 7.20
CA ALA A 10 2.96 -2.00 6.87
C ALA A 10 1.98 -1.82 8.03
N MET A 11 1.73 -0.56 8.38
CA MET A 11 0.81 -0.25 9.48
C MET A 11 -0.53 -0.97 9.28
N CYS A 12 -1.29 -0.53 8.30
CA CYS A 12 -2.59 -1.11 8.01
C CYS A 12 -2.46 -2.62 7.77
N GLY A 13 -3.55 -3.35 8.03
CA GLY A 13 -3.54 -4.78 7.83
C GLY A 13 -3.24 -5.54 9.11
N ALA A 14 -2.59 -4.87 10.05
CA ALA A 14 -2.24 -5.48 11.33
C ALA A 14 -3.13 -4.95 12.46
N GLY A 15 -4.31 -4.46 12.09
CA GLY A 15 -5.23 -3.92 13.08
C GLY A 15 -5.12 -2.42 13.22
N TYR A 16 -4.40 -1.79 12.29
CA TYR A 16 -4.23 -0.34 12.31
C TYR A 16 -5.36 0.36 11.58
N ASP A 17 -5.96 -0.34 10.63
CA ASP A 17 -7.07 0.22 9.86
C ASP A 17 -8.29 -0.70 9.91
N SER A 18 -9.32 -0.34 9.14
CA SER A 18 -10.55 -1.14 9.11
C SER A 18 -10.42 -2.29 8.12
N GLY A 19 -9.34 -3.02 8.43
CA GLY A 19 -8.48 -3.56 7.40
C GLY A 19 -8.64 -2.85 6.08
N THR A 20 -8.05 -1.66 5.96
CA THR A 20 -8.15 -0.88 4.74
C THR A 20 -6.93 0.03 4.58
N CYS A 21 -6.42 0.12 3.34
CA CYS A 21 -5.26 0.94 3.05
C CYS A 21 -5.55 1.90 1.89
N ASP A 22 -4.53 2.64 1.47
CA ASP A 22 -4.67 3.58 0.38
C ASP A 22 -3.33 3.83 -0.30
N TYR A 23 -2.48 4.63 0.36
CA TYR A 23 -1.16 4.94 -0.18
C TYR A 23 -0.30 3.70 -0.29
N MET A 24 -0.60 2.70 0.54
CA MET A 24 0.15 1.45 0.54
C MET A 24 0.02 0.73 -0.80
N TYR A 25 -1.22 0.69 -1.31
CA TYR A 25 -1.48 0.03 -2.59
C TYR A 25 -0.81 0.77 -3.74
N SER A 26 -0.31 1.97 -3.45
CA SER A 26 0.35 2.78 -4.46
C SER A 26 1.82 2.41 -4.58
N HIS A 27 2.13 1.16 -4.31
CA HIS A 27 3.51 0.67 -4.38
C HIS A 27 4.44 1.53 -3.51
N CYS A 28 4.07 1.69 -2.25
CA CYS A 28 4.86 2.48 -1.32
C CYS A 28 5.39 1.61 -0.17
N PHE A 29 4.78 0.45 0.01
CA PHE A 29 5.18 -0.47 1.05
C PHE A 29 5.66 -1.79 0.47
N GLY A 30 5.18 -2.11 -0.73
CA GLY A 30 5.57 -3.35 -1.37
C GLY A 30 4.74 -4.53 -0.93
N VAL A 31 3.47 -4.28 -0.59
CA VAL A 31 2.57 -5.32 -0.15
C VAL A 31 1.62 -5.74 -1.27
N LYS A 32 1.25 -4.78 -2.11
CA LYS A 32 0.34 -5.04 -3.22
C LYS A 32 0.82 -6.23 -4.04
N HIS A 33 -0.11 -7.05 -4.50
CA HIS A 33 0.21 -8.23 -5.30
C HIS A 33 -0.19 -8.02 -6.77
N SER A 34 -1.18 -7.17 -6.98
CA SER A 34 -1.66 -6.89 -8.33
C SER A 34 -0.51 -6.47 -9.24
N SER A 35 -0.75 -6.54 -10.55
CA SER A 35 0.27 -6.17 -11.52
C SER A 35 0.26 -4.67 -11.79
N GLY A 36 1.34 -4.16 -12.37
CA GLY A 36 1.44 -2.75 -12.68
C GLY A 36 2.40 -2.45 -13.81
N GLY A 37 3.47 -1.73 -13.50
CA GLY A 37 4.45 -1.40 -14.52
C GLY A 37 4.80 0.08 -14.52
N GLY A 38 5.94 0.42 -15.11
CA GLY A 38 6.37 1.80 -15.17
C GLY A 38 7.88 1.94 -15.18
N GLY A 39 8.36 3.12 -14.79
CA GLY A 39 9.79 3.36 -14.78
C GLY A 39 10.26 3.96 -13.47
N SER A 40 11.48 4.50 -13.47
CA SER A 40 12.04 5.10 -12.27
C SER A 40 12.44 6.56 -12.53
N TYR A 41 12.57 7.33 -11.45
CA TYR A 41 12.93 8.74 -11.56
C TYR A 41 14.20 9.03 -10.76
N HIS A 42 14.84 10.14 -11.08
CA HIS A 42 16.07 10.54 -10.40
C HIS A 42 15.76 11.52 -9.26
N CYS A 43 14.67 11.26 -8.55
CA CYS A 43 14.26 12.11 -7.45
C CYS A 43 14.20 11.32 -6.14
N LYS A 1 10.45 9.24 1.00
CA LYS A 1 9.02 8.99 0.79
C LYS A 1 8.22 10.28 0.92
N PRO A 2 7.01 10.29 0.32
CA PRO A 2 6.12 11.44 0.36
C PRO A 2 5.54 11.70 1.74
N ALA A 3 4.57 12.59 1.83
CA ALA A 3 3.93 12.92 3.09
C ALA A 3 2.74 12.01 3.36
N TRP A 4 2.60 10.96 2.55
CA TRP A 4 1.50 10.02 2.69
C TRP A 4 1.97 8.74 3.38
N CYS A 5 3.11 8.22 2.94
CA CYS A 5 3.66 7.00 3.52
C CYS A 5 4.65 7.33 4.63
N TRP A 6 5.38 6.32 5.08
CA TRP A 6 6.36 6.50 6.15
C TRP A 6 7.49 5.49 6.02
N TYR A 7 7.15 4.24 5.73
CA TYR A 7 8.14 3.18 5.58
C TYR A 7 7.48 1.85 5.25
N THR A 8 8.25 0.77 5.35
CA THR A 8 7.73 -0.56 5.05
C THR A 8 7.31 -1.28 6.33
N LEU A 9 6.97 -0.51 7.35
CA LEU A 9 6.55 -1.07 8.63
C LEU A 9 5.28 -1.90 8.47
N ALA A 10 4.48 -1.55 7.47
CA ALA A 10 3.24 -2.26 7.20
C ALA A 10 2.25 -2.11 8.36
N MET A 11 1.82 -0.88 8.60
CA MET A 11 0.88 -0.59 9.68
C MET A 11 -0.49 -1.20 9.37
N CYS A 12 -1.22 -0.57 8.46
CA CYS A 12 -2.54 -1.05 8.08
C CYS A 12 -2.51 -2.52 7.70
N GLY A 13 -3.65 -3.19 7.82
CA GLY A 13 -3.72 -4.60 7.49
C GLY A 13 -3.52 -5.49 8.70
N ALA A 14 -2.86 -4.96 9.72
CA ALA A 14 -2.61 -5.72 10.94
C ALA A 14 -3.44 -5.17 12.11
N GLY A 15 -4.59 -4.62 11.79
CA GLY A 15 -5.46 -4.07 12.82
C GLY A 15 -5.37 -2.56 12.90
N TYR A 16 -4.30 -2.00 12.35
CA TYR A 16 -4.10 -0.55 12.36
C TYR A 16 -5.28 0.16 11.70
N ASP A 17 -5.84 -0.46 10.67
CA ASP A 17 -6.97 0.13 9.96
C ASP A 17 -8.17 -0.82 9.98
N SER A 18 -9.23 -0.45 9.27
CA SER A 18 -10.44 -1.26 9.22
C SER A 18 -10.31 -2.36 8.16
N GLY A 19 -9.21 -3.10 8.43
CA GLY A 19 -8.36 -3.57 7.36
C GLY A 19 -8.57 -2.81 6.07
N THR A 20 -8.01 -1.59 6.01
CA THR A 20 -8.14 -0.76 4.82
C THR A 20 -6.94 0.17 4.67
N CYS A 21 -6.46 0.30 3.44
CA CYS A 21 -5.30 1.16 3.15
C CYS A 21 -5.59 2.07 1.95
N ASP A 22 -4.57 2.81 1.53
CA ASP A 22 -4.71 3.71 0.40
C ASP A 22 -3.35 3.93 -0.29
N TYR A 23 -2.50 4.74 0.33
CA TYR A 23 -1.19 5.03 -0.22
C TYR A 23 -0.33 3.77 -0.25
N MET A 24 -0.64 2.82 0.62
CA MET A 24 0.11 1.58 0.68
C MET A 24 -0.03 0.79 -0.61
N TYR A 25 -1.24 0.73 -1.14
CA TYR A 25 -1.52 0.00 -2.37
C TYR A 25 -0.84 0.69 -3.57
N SER A 26 -0.34 1.89 -3.32
CA SER A 26 0.33 2.66 -4.38
C SER A 26 1.81 2.28 -4.47
N HIS A 27 2.10 1.02 -4.17
CA HIS A 27 3.48 0.53 -4.22
C HIS A 27 4.39 1.40 -3.36
N CYS A 28 4.01 1.59 -2.09
CA CYS A 28 4.79 2.39 -1.16
C CYS A 28 5.32 1.53 -0.02
N PHE A 29 4.69 0.38 0.20
CA PHE A 29 5.09 -0.53 1.26
C PHE A 29 5.57 -1.86 0.69
N GLY A 30 5.09 -2.19 -0.51
CA GLY A 30 5.47 -3.43 -1.15
C GLY A 30 4.46 -4.53 -0.91
N VAL A 31 3.21 -4.15 -0.64
CA VAL A 31 2.15 -5.12 -0.40
C VAL A 31 1.26 -5.28 -1.63
N LYS A 32 1.10 -4.20 -2.39
CA LYS A 32 0.28 -4.21 -3.59
C LYS A 32 0.77 -5.26 -4.58
N HIS A 33 -0.11 -6.19 -4.94
CA HIS A 33 0.24 -7.25 -5.87
C HIS A 33 0.13 -6.76 -7.31
N SER A 34 0.53 -7.61 -8.25
CA SER A 34 0.49 -7.27 -9.68
C SER A 34 -0.91 -7.50 -10.24
N SER A 35 -1.32 -6.61 -11.15
CA SER A 35 -2.63 -6.72 -11.77
C SER A 35 -2.71 -7.94 -12.68
N GLY A 36 -3.14 -9.07 -12.12
CA GLY A 36 -3.25 -10.29 -12.90
C GLY A 36 -4.55 -10.36 -13.67
N GLY A 37 -4.44 -10.72 -14.96
CA GLY A 37 -5.62 -10.82 -15.79
C GLY A 37 -5.90 -9.53 -16.55
N GLY A 38 -5.71 -8.40 -15.88
CA GLY A 38 -5.96 -7.11 -16.51
C GLY A 38 -7.29 -6.52 -16.10
N GLY A 39 -7.36 -5.19 -16.10
CA GLY A 39 -8.58 -4.51 -15.72
C GLY A 39 -8.64 -3.09 -16.25
N SER A 40 -9.77 -2.42 -16.01
CA SER A 40 -9.95 -1.05 -16.46
C SER A 40 -11.22 -0.44 -15.87
N TYR A 41 -11.35 0.87 -15.99
CA TYR A 41 -12.51 1.57 -15.46
C TYR A 41 -13.28 2.29 -16.58
N HIS A 42 -14.55 2.61 -16.31
CA HIS A 42 -15.38 3.28 -17.30
C HIS A 42 -15.37 4.79 -17.07
N CYS A 43 -14.20 5.31 -16.70
CA CYS A 43 -14.05 6.75 -16.44
C CYS A 43 -14.28 7.54 -17.72
N LYS A 1 10.21 8.46 -0.06
CA LYS A 1 8.75 8.37 0.00
C LYS A 1 8.12 9.74 0.18
N PRO A 2 6.87 9.88 -0.26
CA PRO A 2 6.12 11.14 -0.16
C PRO A 2 5.77 11.49 1.28
N ALA A 3 4.93 12.52 1.44
CA ALA A 3 4.51 12.95 2.78
C ALA A 3 3.25 12.21 3.21
N TRP A 4 2.89 11.17 2.47
CA TRP A 4 1.70 10.39 2.78
C TRP A 4 2.07 9.10 3.51
N CYS A 5 3.15 8.47 3.08
CA CYS A 5 3.62 7.24 3.70
C CYS A 5 4.57 7.53 4.86
N TRP A 6 5.23 6.50 5.35
CA TRP A 6 6.17 6.64 6.46
C TRP A 6 7.33 5.66 6.32
N TYR A 7 7.02 4.41 6.00
CA TYR A 7 8.03 3.38 5.84
C TYR A 7 7.40 2.04 5.47
N THR A 8 8.18 0.98 5.56
CA THR A 8 7.69 -0.36 5.23
C THR A 8 7.27 -1.11 6.49
N LEU A 9 6.91 -0.37 7.53
CA LEU A 9 6.48 -0.96 8.78
C LEU A 9 5.24 -1.83 8.58
N ALA A 10 4.43 -1.48 7.58
CA ALA A 10 3.22 -2.22 7.28
C ALA A 10 2.21 -2.12 8.42
N MET A 11 1.75 -0.91 8.69
CA MET A 11 0.78 -0.69 9.76
C MET A 11 -0.57 -1.31 9.41
N CYS A 12 -1.30 -0.67 8.51
CA CYS A 12 -2.61 -1.16 8.09
C CYS A 12 -2.53 -2.62 7.68
N GLY A 13 -3.66 -3.32 7.75
CA GLY A 13 -3.71 -4.72 7.38
C GLY A 13 -3.48 -5.64 8.57
N ALA A 14 -2.86 -5.11 9.61
CA ALA A 14 -2.59 -5.89 10.81
C ALA A 14 -3.43 -5.41 11.98
N GLY A 15 -4.57 -4.79 11.67
CA GLY A 15 -5.45 -4.30 12.72
C GLY A 15 -5.39 -2.80 12.86
N TYR A 16 -4.33 -2.19 12.32
CA TYR A 16 -4.16 -0.75 12.40
C TYR A 16 -5.33 -0.02 11.74
N ASP A 17 -5.86 -0.61 10.68
CA ASP A 17 -6.99 -0.01 9.97
C ASP A 17 -8.20 -0.95 9.98
N SER A 18 -9.25 -0.57 9.27
CA SER A 18 -10.46 -1.37 9.20
C SER A 18 -10.34 -2.47 8.14
N GLY A 19 -9.24 -3.20 8.40
CA GLY A 19 -8.38 -3.66 7.32
C GLY A 19 -8.58 -2.87 6.04
N THR A 20 -8.02 -1.66 5.99
CA THR A 20 -8.16 -0.81 4.82
C THR A 20 -6.95 0.12 4.68
N CYS A 21 -6.46 0.29 3.46
CA CYS A 21 -5.32 1.15 3.20
C CYS A 21 -5.59 2.07 2.01
N ASP A 22 -4.59 2.84 1.61
CA ASP A 22 -4.72 3.76 0.50
C ASP A 22 -3.37 4.01 -0.16
N TYR A 23 -2.54 4.82 0.48
CA TYR A 23 -1.22 5.14 -0.05
C TYR A 23 -0.33 3.90 -0.11
N MET A 24 -0.64 2.92 0.74
CA MET A 24 0.12 1.68 0.78
C MET A 24 0.01 0.93 -0.54
N TYR A 25 -1.21 0.87 -1.08
CA TYR A 25 -1.45 0.17 -2.34
C TYR A 25 -0.77 0.89 -3.50
N SER A 26 -0.27 2.10 -3.22
CA SER A 26 0.40 2.89 -4.25
C SER A 26 1.88 2.54 -4.32
N HIS A 27 2.19 1.28 -4.04
CA HIS A 27 3.57 0.81 -4.08
C HIS A 27 4.47 1.67 -3.19
N CYS A 28 4.06 1.81 -1.92
CA CYS A 28 4.83 2.60 -0.96
C CYS A 28 5.34 1.73 0.18
N PHE A 29 4.72 0.56 0.35
CA PHE A 29 5.12 -0.36 1.41
C PHE A 29 5.60 -1.68 0.82
N GLY A 30 5.13 -2.00 -0.38
CA GLY A 30 5.53 -3.23 -1.04
C GLY A 30 4.67 -4.41 -0.62
N VAL A 31 3.41 -4.14 -0.31
CA VAL A 31 2.47 -5.19 0.10
C VAL A 31 1.55 -5.57 -1.04
N LYS A 32 1.23 -4.61 -1.89
CA LYS A 32 0.35 -4.85 -3.03
C LYS A 32 0.84 -6.05 -3.85
N HIS A 33 -0.10 -6.87 -4.30
CA HIS A 33 0.24 -8.04 -5.09
C HIS A 33 -0.42 -7.98 -6.47
N SER A 34 -1.66 -7.49 -6.51
CA SER A 34 -2.40 -7.37 -7.75
C SER A 34 -2.07 -6.06 -8.46
N SER A 35 -1.99 -6.12 -9.79
CA SER A 35 -1.68 -4.94 -10.59
C SER A 35 -2.88 -3.99 -10.66
N GLY A 36 -4.00 -4.51 -11.17
CA GLY A 36 -5.19 -3.70 -11.29
C GLY A 36 -6.02 -3.71 -10.02
N GLY A 37 -7.33 -3.48 -10.16
CA GLY A 37 -8.21 -3.46 -9.01
C GLY A 37 -9.67 -3.56 -9.40
N GLY A 38 -10.33 -2.41 -9.48
CA GLY A 38 -11.74 -2.39 -9.84
C GLY A 38 -12.06 -1.34 -10.88
N GLY A 39 -12.86 -0.35 -10.49
CA GLY A 39 -13.23 0.71 -11.41
C GLY A 39 -14.54 1.37 -11.04
N SER A 40 -15.46 0.59 -10.48
CA SER A 40 -16.77 1.10 -10.08
C SER A 40 -17.22 0.45 -8.78
N TYR A 41 -17.26 1.24 -7.71
CA TYR A 41 -17.67 0.74 -6.40
C TYR A 41 -17.97 1.90 -5.45
N HIS A 42 -18.74 1.62 -4.41
CA HIS A 42 -19.10 2.62 -3.42
C HIS A 42 -18.14 2.58 -2.23
N CYS A 43 -16.86 2.37 -2.51
CA CYS A 43 -15.85 2.31 -1.47
C CYS A 43 -15.80 3.61 -0.68
N LYS A 1 10.52 9.47 1.13
CA LYS A 1 9.11 9.18 0.88
C LYS A 1 8.27 10.44 0.97
N PRO A 2 7.07 10.41 0.36
CA PRO A 2 6.14 11.54 0.37
C PRO A 2 5.54 11.79 1.76
N ALA A 3 4.53 12.64 1.81
CA ALA A 3 3.86 12.96 3.07
C ALA A 3 2.71 12.00 3.34
N TRP A 4 2.62 10.94 2.54
CA TRP A 4 1.57 9.95 2.70
C TRP A 4 2.10 8.69 3.37
N CYS A 5 3.22 8.18 2.86
CA CYS A 5 3.82 6.97 3.41
C CYS A 5 4.77 7.31 4.56
N TRP A 6 5.55 6.33 4.99
CA TRP A 6 6.49 6.53 6.09
C TRP A 6 7.62 5.51 6.03
N TYR A 7 7.26 4.26 5.71
CA TYR A 7 8.24 3.19 5.62
C TYR A 7 7.58 1.88 5.22
N THR A 8 8.33 0.78 5.33
CA THR A 8 7.82 -0.54 4.98
C THR A 8 7.32 -1.28 6.22
N LEU A 9 6.96 -0.53 7.25
CA LEU A 9 6.46 -1.12 8.49
C LEU A 9 5.17 -1.89 8.25
N ALA A 10 4.35 -1.38 7.34
CA ALA A 10 3.09 -2.02 7.01
C ALA A 10 2.13 -2.01 8.20
N MET A 11 1.74 -0.81 8.63
CA MET A 11 0.82 -0.66 9.77
C MET A 11 -0.55 -1.24 9.44
N CYS A 12 -1.24 -0.62 8.50
CA CYS A 12 -2.57 -1.06 8.10
C CYS A 12 -2.56 -2.55 7.75
N GLY A 13 -3.71 -3.20 7.87
CA GLY A 13 -3.81 -4.61 7.56
C GLY A 13 -3.61 -5.49 8.79
N ALA A 14 -2.89 -4.97 9.77
CA ALA A 14 -2.64 -5.71 11.00
C ALA A 14 -3.48 -5.19 12.15
N GLY A 15 -4.62 -4.59 11.81
CA GLY A 15 -5.51 -4.05 12.83
C GLY A 15 -5.44 -2.54 12.93
N TYR A 16 -4.37 -1.97 12.39
CA TYR A 16 -4.18 -0.53 12.41
C TYR A 16 -5.34 0.18 11.71
N ASP A 17 -5.92 -0.48 10.72
CA ASP A 17 -7.04 0.08 9.98
C ASP A 17 -8.24 -0.86 9.99
N SER A 18 -9.28 -0.50 9.24
CA SER A 18 -10.49 -1.32 9.17
C SER A 18 -10.33 -2.43 8.14
N GLY A 19 -9.25 -3.15 8.42
CA GLY A 19 -8.36 -3.62 7.37
C GLY A 19 -8.55 -2.86 6.07
N THR A 20 -7.99 -1.65 6.00
CA THR A 20 -8.11 -0.82 4.81
C THR A 20 -6.91 0.11 4.68
N CYS A 21 -6.41 0.26 3.46
CA CYS A 21 -5.27 1.12 3.21
C CYS A 21 -5.55 2.05 2.02
N ASP A 22 -4.52 2.78 1.61
CA ASP A 22 -4.66 3.71 0.48
C ASP A 22 -3.31 3.92 -0.21
N TYR A 23 -2.44 4.70 0.41
CA TYR A 23 -1.13 4.98 -0.15
C TYR A 23 -0.28 3.71 -0.23
N MET A 24 -0.59 2.76 0.65
CA MET A 24 0.14 1.49 0.67
C MET A 24 -0.04 0.73 -0.64
N TYR A 25 -1.27 0.70 -1.14
CA TYR A 25 -1.57 0.00 -2.38
C TYR A 25 -0.89 0.69 -3.57
N SER A 26 -0.36 1.88 -3.32
CA SER A 26 0.30 2.65 -4.37
C SER A 26 1.76 2.24 -4.49
N HIS A 27 2.05 0.98 -4.17
CA HIS A 27 3.41 0.46 -4.25
C HIS A 27 4.37 1.33 -3.43
N CYS A 28 4.03 1.55 -2.16
CA CYS A 28 4.85 2.35 -1.27
C CYS A 28 5.39 1.51 -0.11
N PHE A 29 4.74 0.38 0.13
CA PHE A 29 5.15 -0.51 1.21
C PHE A 29 5.60 -1.87 0.66
N GLY A 30 5.10 -2.21 -0.52
CA GLY A 30 5.48 -3.48 -1.14
C GLY A 30 4.62 -4.63 -0.65
N VAL A 31 3.36 -4.33 -0.30
CA VAL A 31 2.44 -5.35 0.18
C VAL A 31 1.46 -5.77 -0.91
N LYS A 32 1.11 -4.82 -1.77
CA LYS A 32 0.18 -5.09 -2.87
C LYS A 32 0.62 -6.31 -3.67
N HIS A 33 -0.35 -7.06 -4.17
CA HIS A 33 -0.07 -8.26 -4.96
C HIS A 33 -0.62 -8.13 -6.37
N SER A 34 -1.84 -7.60 -6.48
CA SER A 34 -2.48 -7.42 -7.77
C SER A 34 -2.15 -6.05 -8.37
N SER A 35 -2.28 -5.94 -9.68
CA SER A 35 -1.99 -4.70 -10.38
C SER A 35 -3.18 -3.75 -10.32
N GLY A 36 -4.38 -4.32 -10.26
CA GLY A 36 -5.59 -3.52 -10.19
C GLY A 36 -5.93 -2.91 -11.53
N GLY A 37 -6.09 -1.59 -11.56
CA GLY A 37 -6.43 -0.90 -12.79
C GLY A 37 -5.20 -0.40 -13.53
N GLY A 38 -4.82 0.85 -13.27
CA GLY A 38 -3.66 1.42 -13.93
C GLY A 38 -3.13 2.64 -13.20
N GLY A 39 -1.81 2.73 -13.11
CA GLY A 39 -1.19 3.87 -12.43
C GLY A 39 0.32 3.74 -12.34
N SER A 40 0.93 3.21 -13.40
CA SER A 40 2.37 3.02 -13.44
C SER A 40 3.08 4.35 -13.73
N TYR A 41 4.29 4.49 -13.20
CA TYR A 41 5.07 5.70 -13.39
C TYR A 41 6.53 5.37 -13.70
N HIS A 42 7.23 6.34 -14.28
CA HIS A 42 8.64 6.16 -14.63
C HIS A 42 9.55 6.69 -13.53
N CYS A 43 9.15 6.46 -12.28
CA CYS A 43 9.92 6.92 -11.13
C CYS A 43 10.45 5.73 -10.33
N LYS A 1 10.43 9.29 0.83
CA LYS A 1 9.00 9.02 0.69
C LYS A 1 8.20 10.31 0.78
N PRO A 2 6.99 10.29 0.20
CA PRO A 2 6.09 11.45 0.20
C PRO A 2 5.53 11.75 1.59
N ALA A 3 4.54 12.62 1.65
CA ALA A 3 3.92 12.99 2.92
C ALA A 3 2.75 12.06 3.24
N TRP A 4 2.63 10.98 2.49
CA TRP A 4 1.55 10.01 2.70
C TRP A 4 2.09 8.75 3.37
N CYS A 5 3.21 8.25 2.87
CA CYS A 5 3.82 7.05 3.42
C CYS A 5 4.71 7.38 4.61
N TRP A 6 5.49 6.40 5.06
CA TRP A 6 6.40 6.59 6.19
C TRP A 6 7.53 5.58 6.15
N TYR A 7 7.19 4.32 5.92
CA TYR A 7 8.18 3.25 5.88
C TYR A 7 7.55 1.95 5.36
N THR A 8 8.29 0.85 5.51
CA THR A 8 7.81 -0.45 5.06
C THR A 8 7.35 -1.30 6.24
N LEU A 9 6.91 -0.64 7.30
CA LEU A 9 6.43 -1.33 8.50
C LEU A 9 5.11 -2.03 8.23
N ALA A 10 4.33 -1.48 7.31
CA ALA A 10 3.04 -2.06 6.96
C ALA A 10 2.08 -2.01 8.13
N MET A 11 1.74 -0.80 8.57
CA MET A 11 0.83 -0.62 9.69
C MET A 11 -0.53 -1.26 9.40
N CYS A 12 -1.27 -0.66 8.47
CA CYS A 12 -2.58 -1.18 8.11
C CYS A 12 -2.51 -2.66 7.76
N GLY A 13 -3.65 -3.34 7.83
CA GLY A 13 -3.70 -4.75 7.52
C GLY A 13 -3.53 -5.62 8.75
N ALA A 14 -2.90 -5.07 9.79
CA ALA A 14 -2.68 -5.80 11.03
C ALA A 14 -3.55 -5.24 12.16
N GLY A 15 -4.66 -4.61 11.79
CA GLY A 15 -5.55 -4.05 12.78
C GLY A 15 -5.46 -2.54 12.85
N TYR A 16 -4.34 -1.99 12.37
CA TYR A 16 -4.12 -0.55 12.39
C TYR A 16 -5.26 0.18 11.69
N ASP A 17 -5.90 -0.50 10.74
CA ASP A 17 -7.01 0.09 10.00
C ASP A 17 -8.22 -0.85 10.02
N SER A 18 -9.26 -0.46 9.28
CA SER A 18 -10.48 -1.26 9.21
C SER A 18 -10.35 -2.36 8.17
N GLY A 19 -9.27 -3.11 8.45
CA GLY A 19 -8.40 -3.60 7.39
C GLY A 19 -8.58 -2.83 6.09
N THR A 20 -8.01 -1.63 6.04
CA THR A 20 -8.11 -0.79 4.85
C THR A 20 -6.89 0.12 4.72
N CYS A 21 -6.40 0.25 3.49
CA CYS A 21 -5.24 1.10 3.22
C CYS A 21 -5.52 2.06 2.08
N ASP A 22 -4.48 2.77 1.64
CA ASP A 22 -4.61 3.72 0.54
C ASP A 22 -3.27 3.94 -0.15
N TYR A 23 -2.40 4.71 0.49
CA TYR A 23 -1.08 5.01 -0.06
C TYR A 23 -0.24 3.74 -0.17
N MET A 24 -0.55 2.76 0.68
CA MET A 24 0.18 1.50 0.69
C MET A 24 0.01 0.77 -0.64
N TYR A 25 -1.22 0.75 -1.14
CA TYR A 25 -1.52 0.07 -2.41
C TYR A 25 -0.85 0.79 -3.57
N SER A 26 -0.30 1.98 -3.30
CA SER A 26 0.36 2.77 -4.33
C SER A 26 1.82 2.36 -4.46
N HIS A 27 2.11 1.10 -4.15
CA HIS A 27 3.47 0.58 -4.23
C HIS A 27 4.42 1.42 -3.39
N CYS A 28 4.09 1.62 -2.12
CA CYS A 28 4.91 2.41 -1.22
C CYS A 28 5.43 1.55 -0.07
N PHE A 29 4.80 0.39 0.14
CA PHE A 29 5.20 -0.52 1.20
C PHE A 29 5.65 -1.86 0.63
N GLY A 30 5.18 -2.17 -0.57
CA GLY A 30 5.56 -3.42 -1.21
C GLY A 30 4.67 -4.56 -0.78
N VAL A 31 3.44 -4.26 -0.40
CA VAL A 31 2.48 -5.27 0.03
C VAL A 31 1.49 -5.60 -1.06
N LYS A 32 1.13 -4.59 -1.86
CA LYS A 32 0.18 -4.76 -2.94
C LYS A 32 0.69 -5.79 -3.96
N HIS A 33 -0.22 -6.60 -4.47
CA HIS A 33 0.15 -7.63 -5.45
C HIS A 33 -0.94 -7.78 -6.51
N SER A 34 -1.03 -6.79 -7.41
CA SER A 34 -2.03 -6.81 -8.46
C SER A 34 -3.43 -6.95 -7.89
N SER A 35 -3.62 -6.44 -6.67
CA SER A 35 -4.92 -6.52 -6.00
C SER A 35 -5.73 -5.25 -6.27
N GLY A 36 -6.36 -5.20 -7.43
CA GLY A 36 -7.16 -4.05 -7.79
C GLY A 36 -7.34 -3.91 -9.29
N GLY A 37 -7.01 -2.73 -9.82
CA GLY A 37 -7.14 -2.49 -11.23
C GLY A 37 -6.07 -1.55 -11.77
N GLY A 38 -6.46 -0.33 -12.09
CA GLY A 38 -5.52 0.64 -12.61
C GLY A 38 -4.60 1.19 -11.54
N GLY A 39 -3.59 1.94 -11.97
CA GLY A 39 -2.64 2.51 -11.02
C GLY A 39 -1.49 1.58 -10.72
N SER A 40 -1.09 0.79 -11.71
CA SER A 40 0.01 -0.16 -11.54
C SER A 40 1.31 0.43 -12.10
N TYR A 41 2.28 0.62 -11.23
CA TYR A 41 3.57 1.17 -11.63
C TYR A 41 4.43 0.11 -12.32
N HIS A 42 5.43 0.55 -13.07
CA HIS A 42 6.31 -0.36 -13.78
C HIS A 42 7.58 -0.63 -12.97
N CYS A 43 7.42 -0.73 -11.65
CA CYS A 43 8.54 -0.99 -10.76
C CYS A 43 8.77 -2.49 -10.60
N LYS A 1 10.43 9.28 0.93
CA LYS A 1 9.01 9.04 0.70
C LYS A 1 8.21 10.33 0.80
N PRO A 2 7.00 10.32 0.23
CA PRO A 2 6.11 11.48 0.25
C PRO A 2 5.55 11.77 1.64
N ALA A 3 4.57 12.65 1.71
CA ALA A 3 3.95 13.01 2.98
C ALA A 3 2.79 12.07 3.31
N TRP A 4 2.64 11.01 2.53
CA TRP A 4 1.57 10.06 2.73
C TRP A 4 2.10 8.78 3.38
N CYS A 5 3.23 8.28 2.88
CA CYS A 5 3.83 7.08 3.41
C CYS A 5 4.81 7.40 4.54
N TRP A 6 5.58 6.41 4.96
CA TRP A 6 6.56 6.60 6.03
C TRP A 6 7.67 5.57 5.94
N TYR A 7 7.29 4.30 5.80
CA TYR A 7 8.27 3.22 5.70
C TYR A 7 7.58 1.91 5.30
N THR A 8 8.32 0.80 5.41
CA THR A 8 7.79 -0.51 5.06
C THR A 8 7.27 -1.23 6.29
N LEU A 9 6.94 -0.47 7.32
CA LEU A 9 6.42 -1.04 8.56
C LEU A 9 5.15 -1.83 8.30
N ALA A 10 4.32 -1.33 7.40
CA ALA A 10 3.06 -2.00 7.06
C ALA A 10 2.11 -2.02 8.25
N MET A 11 1.67 -0.84 8.67
CA MET A 11 0.75 -0.71 9.80
C MET A 11 -0.61 -1.31 9.44
N CYS A 12 -1.31 -0.66 8.52
CA CYS A 12 -2.63 -1.12 8.11
C CYS A 12 -2.60 -2.59 7.72
N GLY A 13 -3.74 -3.25 7.84
CA GLY A 13 -3.82 -4.67 7.49
C GLY A 13 -3.61 -5.56 8.69
N ALA A 14 -2.90 -5.06 9.70
CA ALA A 14 -2.63 -5.82 10.91
C ALA A 14 -3.49 -5.33 12.07
N GLY A 15 -4.62 -4.70 11.74
CA GLY A 15 -5.50 -4.19 12.77
C GLY A 15 -5.43 -2.69 12.91
N TYR A 16 -4.36 -2.09 12.39
CA TYR A 16 -4.17 -0.64 12.46
C TYR A 16 -5.33 0.07 11.77
N ASP A 17 -5.86 -0.53 10.71
CA ASP A 17 -6.97 0.06 9.97
C ASP A 17 -8.20 -0.84 10.02
N SER A 18 -9.23 -0.47 9.28
CA SER A 18 -10.47 -1.24 9.23
C SER A 18 -10.37 -2.36 8.19
N GLY A 19 -9.27 -3.10 8.45
CA GLY A 19 -8.42 -3.58 7.38
C GLY A 19 -8.62 -2.81 6.09
N THR A 20 -8.02 -1.62 6.02
CA THR A 20 -8.13 -0.79 4.83
C THR A 20 -6.94 0.15 4.70
N CYS A 21 -6.43 0.28 3.48
CA CYS A 21 -5.27 1.14 3.21
C CYS A 21 -5.55 2.07 2.03
N ASP A 22 -4.53 2.77 1.59
CA ASP A 22 -4.65 3.70 0.47
C ASP A 22 -3.31 3.92 -0.21
N TYR A 23 -2.45 4.71 0.41
CA TYR A 23 -1.14 5.01 -0.14
C TYR A 23 -0.27 3.75 -0.19
N MET A 24 -0.58 2.80 0.68
CA MET A 24 0.16 1.54 0.73
C MET A 24 0.01 0.76 -0.57
N TYR A 25 -1.22 0.71 -1.08
CA TYR A 25 -1.50 0.00 -2.33
C TYR A 25 -0.83 0.69 -3.52
N SER A 26 -0.32 1.89 -3.27
CA SER A 26 0.34 2.67 -4.33
C SER A 26 1.81 2.27 -4.44
N HIS A 27 2.11 1.02 -4.13
CA HIS A 27 3.48 0.52 -4.20
C HIS A 27 4.42 1.39 -3.36
N CYS A 28 4.05 1.60 -2.10
CA CYS A 28 4.85 2.41 -1.20
C CYS A 28 5.37 1.58 -0.02
N PHE A 29 4.73 0.43 0.20
CA PHE A 29 5.12 -0.45 1.29
C PHE A 29 5.57 -1.81 0.75
N GLY A 30 5.07 -2.17 -0.43
CA GLY A 30 5.42 -3.44 -1.03
C GLY A 30 4.38 -4.52 -0.77
N VAL A 31 3.17 -4.10 -0.42
CA VAL A 31 2.09 -5.04 -0.15
C VAL A 31 1.23 -5.26 -1.38
N LYS A 32 1.10 -4.22 -2.20
CA LYS A 32 0.30 -4.32 -3.43
C LYS A 32 0.80 -5.45 -4.32
N HIS A 33 -0.08 -6.39 -4.61
CA HIS A 33 0.26 -7.53 -5.46
C HIS A 33 0.47 -7.09 -6.90
N SER A 34 -0.57 -6.50 -7.48
CA SER A 34 -0.51 -6.03 -8.87
C SER A 34 -0.10 -7.16 -9.81
N SER A 35 -0.46 -8.39 -9.44
CA SER A 35 -0.13 -9.56 -10.24
C SER A 35 -0.69 -9.43 -11.66
N GLY A 36 -1.80 -8.70 -11.78
CA GLY A 36 -2.42 -8.51 -13.07
C GLY A 36 -3.76 -9.22 -13.19
N GLY A 37 -4.67 -8.92 -12.26
CA GLY A 37 -5.98 -9.54 -12.27
C GLY A 37 -6.78 -9.22 -11.03
N GLY A 38 -6.18 -9.41 -9.87
CA GLY A 38 -6.87 -9.14 -8.63
C GLY A 38 -6.56 -7.76 -8.09
N GLY A 39 -7.43 -7.25 -7.21
CA GLY A 39 -7.23 -5.94 -6.64
C GLY A 39 -8.08 -4.88 -7.32
N SER A 40 -8.48 -5.14 -8.56
CA SER A 40 -9.29 -4.20 -9.32
C SER A 40 -10.56 -4.88 -9.83
N TYR A 41 -11.57 -4.94 -8.97
CA TYR A 41 -12.84 -5.56 -9.33
C TYR A 41 -13.94 -4.51 -9.46
N HIS A 42 -15.01 -4.87 -10.16
CA HIS A 42 -16.13 -3.96 -10.36
C HIS A 42 -17.22 -4.21 -9.32
N CYS A 43 -16.80 -4.51 -8.09
CA CYS A 43 -17.74 -4.76 -7.01
C CYS A 43 -17.24 -4.13 -5.70
N LYS A 1 10.19 8.43 -0.04
CA LYS A 1 8.73 8.33 0.01
C LYS A 1 8.11 9.72 0.19
N PRO A 2 6.84 9.85 -0.25
CA PRO A 2 6.11 11.12 -0.15
C PRO A 2 5.76 11.47 1.29
N ALA A 3 4.92 12.50 1.47
CA ALA A 3 4.50 12.94 2.79
C ALA A 3 3.25 12.20 3.24
N TRP A 4 2.88 11.15 2.50
CA TRP A 4 1.71 10.37 2.82
C TRP A 4 2.08 9.08 3.56
N CYS A 5 3.16 8.46 3.11
CA CYS A 5 3.63 7.22 3.72
C CYS A 5 4.54 7.50 4.91
N TRP A 6 5.21 6.47 5.40
CA TRP A 6 6.13 6.61 6.53
C TRP A 6 7.29 5.63 6.41
N TYR A 7 6.98 4.40 6.05
CA TYR A 7 8.01 3.37 5.91
C TYR A 7 7.38 2.05 5.46
N THR A 8 8.17 0.97 5.56
CA THR A 8 7.70 -0.35 5.17
C THR A 8 7.28 -1.17 6.40
N LEU A 9 6.88 -0.47 7.45
CA LEU A 9 6.45 -1.13 8.68
C LEU A 9 5.18 -1.94 8.45
N ALA A 10 4.38 -1.50 7.49
CA ALA A 10 3.13 -2.19 7.15
C ALA A 10 2.14 -2.12 8.31
N MET A 11 1.72 -0.90 8.66
CA MET A 11 0.78 -0.71 9.75
C MET A 11 -0.59 -1.30 9.41
N CYS A 12 -1.29 -0.67 8.48
CA CYS A 12 -2.60 -1.13 8.06
C CYS A 12 -2.56 -2.62 7.69
N GLY A 13 -3.70 -3.29 7.81
CA GLY A 13 -3.78 -4.70 7.48
C GLY A 13 -3.53 -5.59 8.69
N ALA A 14 -2.89 -5.04 9.70
CA ALA A 14 -2.59 -5.78 10.92
C ALA A 14 -3.41 -5.28 12.09
N GLY A 15 -4.57 -4.68 11.80
CA GLY A 15 -5.43 -4.16 12.83
C GLY A 15 -5.37 -2.66 12.93
N TYR A 16 -4.32 -2.06 12.36
CA TYR A 16 -4.16 -0.62 12.39
C TYR A 16 -5.32 0.09 11.70
N ASP A 17 -5.88 -0.57 10.69
CA ASP A 17 -7.00 -0.02 9.95
C ASP A 17 -8.20 -0.96 9.96
N SER A 18 -9.24 -0.62 9.23
CA SER A 18 -10.44 -1.44 9.16
C SER A 18 -10.29 -2.54 8.13
N GLY A 19 -9.19 -3.26 8.40
CA GLY A 19 -8.31 -3.71 7.34
C GLY A 19 -8.52 -2.95 6.05
N THR A 20 -7.96 -1.74 5.98
CA THR A 20 -8.09 -0.91 4.79
C THR A 20 -6.90 0.04 4.66
N CYS A 21 -6.41 0.19 3.43
CA CYS A 21 -5.28 1.07 3.17
C CYS A 21 -5.57 1.99 2.00
N ASP A 22 -4.57 2.78 1.61
CA ASP A 22 -4.72 3.72 0.49
C ASP A 22 -3.38 3.99 -0.18
N TYR A 23 -2.55 4.80 0.48
CA TYR A 23 -1.24 5.15 -0.04
C TYR A 23 -0.35 3.92 -0.12
N MET A 24 -0.63 2.94 0.72
CA MET A 24 0.15 1.71 0.74
C MET A 24 0.05 0.96 -0.58
N TYR A 25 -1.17 0.88 -1.12
CA TYR A 25 -1.40 0.19 -2.37
C TYR A 25 -0.73 0.94 -3.53
N SER A 26 -0.26 2.15 -3.26
CA SER A 26 0.40 2.97 -4.27
C SER A 26 1.88 2.63 -4.36
N HIS A 27 2.21 1.37 -4.11
CA HIS A 27 3.60 0.91 -4.16
C HIS A 27 4.48 1.76 -3.24
N CYS A 28 4.08 1.87 -1.98
CA CYS A 28 4.83 2.65 -1.01
C CYS A 28 5.35 1.76 0.12
N PHE A 29 4.74 0.60 0.27
CA PHE A 29 5.13 -0.35 1.32
C PHE A 29 5.62 -1.65 0.71
N GLY A 30 5.13 -1.96 -0.48
CA GLY A 30 5.53 -3.19 -1.15
C GLY A 30 4.55 -4.32 -0.93
N VAL A 31 3.29 -3.97 -0.67
CA VAL A 31 2.25 -4.97 -0.44
C VAL A 31 1.40 -5.19 -1.70
N LYS A 32 1.21 -4.12 -2.47
CA LYS A 32 0.42 -4.20 -3.70
C LYS A 32 0.94 -5.31 -4.60
N HIS A 33 0.09 -6.28 -4.90
CA HIS A 33 0.47 -7.40 -5.76
C HIS A 33 0.64 -6.93 -7.20
N SER A 34 1.43 -7.68 -7.97
CA SER A 34 1.69 -7.34 -9.37
C SER A 34 0.43 -7.52 -10.21
N SER A 35 -0.18 -6.40 -10.62
CA SER A 35 -1.39 -6.44 -11.43
C SER A 35 -1.19 -7.30 -12.68
N GLY A 36 -2.29 -7.71 -13.29
CA GLY A 36 -2.22 -8.53 -14.48
C GLY A 36 -2.07 -7.72 -15.74
N GLY A 37 -3.19 -7.29 -16.30
CA GLY A 37 -3.17 -6.50 -17.52
C GLY A 37 -3.35 -5.02 -17.25
N GLY A 38 -2.65 -4.18 -18.01
CA GLY A 38 -2.76 -2.75 -17.84
C GLY A 38 -3.57 -2.09 -18.92
N GLY A 39 -4.20 -0.96 -18.60
CA GLY A 39 -5.01 -0.25 -19.58
C GLY A 39 -4.80 1.24 -19.53
N SER A 40 -3.55 1.67 -19.73
CA SER A 40 -3.22 3.09 -19.71
C SER A 40 -3.18 3.67 -21.12
N TYR A 41 -4.13 4.55 -21.41
CA TYR A 41 -4.20 5.17 -22.73
C TYR A 41 -4.52 6.66 -22.61
N HIS A 42 -4.20 7.41 -23.67
CA HIS A 42 -4.46 8.85 -23.68
C HIS A 42 -5.78 9.16 -24.35
N CYS A 43 -6.78 8.33 -24.09
CA CYS A 43 -8.11 8.51 -24.67
C CYS A 43 -8.97 9.40 -23.78
N LYS A 1 10.29 8.56 0.02
CA LYS A 1 8.84 8.45 0.06
C LYS A 1 8.19 9.82 0.21
N PRO A 2 6.93 9.92 -0.25
CA PRO A 2 6.17 11.18 -0.17
C PRO A 2 5.79 11.54 1.26
N ALA A 3 4.93 12.54 1.41
CA ALA A 3 4.48 12.98 2.73
C ALA A 3 3.24 12.20 3.17
N TRP A 4 2.91 11.14 2.45
CA TRP A 4 1.76 10.32 2.76
C TRP A 4 2.17 9.05 3.48
N CYS A 5 3.28 8.46 3.04
CA CYS A 5 3.78 7.24 3.65
C CYS A 5 4.71 7.54 4.82
N TRP A 6 5.40 6.52 5.31
CA TRP A 6 6.33 6.68 6.43
C TRP A 6 7.47 5.69 6.34
N TYR A 7 7.15 4.45 5.99
CA TYR A 7 8.15 3.39 5.87
C TYR A 7 7.51 2.07 5.44
N THR A 8 8.29 1.00 5.53
CA THR A 8 7.80 -0.32 5.15
C THR A 8 7.29 -1.09 6.36
N LEU A 9 6.92 -0.36 7.41
CA LEU A 9 6.42 -0.97 8.63
C LEU A 9 5.15 -1.78 8.36
N ALA A 10 4.31 -1.27 7.45
CA ALA A 10 3.07 -1.94 7.09
C ALA A 10 2.11 -1.99 8.28
N MET A 11 1.66 -0.81 8.72
CA MET A 11 0.74 -0.73 9.85
C MET A 11 -0.62 -1.32 9.49
N CYS A 12 -1.31 -0.67 8.56
CA CYS A 12 -2.62 -1.14 8.14
C CYS A 12 -2.58 -2.61 7.72
N GLY A 13 -3.72 -3.29 7.84
CA GLY A 13 -3.79 -4.68 7.48
C GLY A 13 -3.58 -5.60 8.67
N ALA A 14 -2.87 -5.10 9.68
CA ALA A 14 -2.60 -5.88 10.88
C ALA A 14 -3.49 -5.42 12.04
N GLY A 15 -4.62 -4.81 11.70
CA GLY A 15 -5.53 -4.33 12.73
C GLY A 15 -5.50 -2.82 12.88
N TYR A 16 -4.43 -2.21 12.38
CA TYR A 16 -4.28 -0.76 12.46
C TYR A 16 -5.44 -0.04 11.77
N ASP A 17 -5.96 -0.66 10.72
CA ASP A 17 -7.08 -0.09 9.98
C ASP A 17 -8.27 -1.04 9.97
N SER A 18 -9.30 -0.67 9.23
CA SER A 18 -10.52 -1.49 9.14
C SER A 18 -10.35 -2.58 8.08
N GLY A 19 -9.25 -3.29 8.35
CA GLY A 19 -8.36 -3.74 7.30
C GLY A 19 -8.55 -2.95 6.01
N THR A 20 -7.99 -1.74 5.97
CA THR A 20 -8.12 -0.89 4.80
C THR A 20 -6.93 0.06 4.69
N CYS A 21 -6.43 0.25 3.48
CA CYS A 21 -5.30 1.14 3.24
C CYS A 21 -5.57 2.08 2.08
N ASP A 22 -4.56 2.84 1.69
CA ASP A 22 -4.69 3.78 0.58
C ASP A 22 -3.35 4.02 -0.11
N TYR A 23 -2.50 4.82 0.55
CA TYR A 23 -1.19 5.14 0.00
C TYR A 23 -0.32 3.88 -0.07
N MET A 24 -0.62 2.91 0.78
CA MET A 24 0.14 1.66 0.80
C MET A 24 -0.01 0.91 -0.53
N TYR A 25 -1.23 0.86 -1.04
CA TYR A 25 -1.49 0.17 -2.30
C TYR A 25 -0.82 0.90 -3.46
N SER A 26 -0.31 2.09 -3.20
CA SER A 26 0.35 2.89 -4.22
C SER A 26 1.83 2.51 -4.34
N HIS A 27 2.14 1.25 -4.03
CA HIS A 27 3.50 0.76 -4.09
C HIS A 27 4.43 1.63 -3.24
N CYS A 28 4.06 1.82 -1.98
CA CYS A 28 4.86 2.62 -1.07
C CYS A 28 5.39 1.78 0.09
N PHE A 29 4.76 0.63 0.29
CA PHE A 29 5.16 -0.28 1.38
C PHE A 29 5.65 -1.61 0.81
N GLY A 30 5.18 -1.94 -0.39
CA GLY A 30 5.58 -3.19 -1.01
C GLY A 30 4.73 -4.37 -0.56
N VAL A 31 3.47 -4.09 -0.23
CA VAL A 31 2.56 -5.13 0.23
C VAL A 31 1.61 -5.55 -0.89
N LYS A 32 1.24 -4.60 -1.74
CA LYS A 32 0.35 -4.88 -2.85
C LYS A 32 0.82 -6.07 -3.66
N HIS A 33 -0.13 -6.85 -4.17
CA HIS A 33 0.19 -8.04 -4.97
C HIS A 33 -0.24 -7.85 -6.42
N SER A 34 0.56 -8.38 -7.34
CA SER A 34 0.27 -8.28 -8.75
C SER A 34 0.70 -9.54 -9.50
N SER A 35 -0.22 -10.09 -10.29
CA SER A 35 0.07 -11.30 -11.06
C SER A 35 0.78 -10.96 -12.36
N GLY A 36 0.42 -9.83 -12.96
CA GLY A 36 1.03 -9.41 -14.20
C GLY A 36 1.93 -8.20 -14.03
N GLY A 37 1.37 -7.02 -14.23
CA GLY A 37 2.15 -5.80 -14.10
C GLY A 37 1.39 -4.57 -14.57
N GLY A 38 1.23 -3.60 -13.68
CA GLY A 38 0.52 -2.38 -14.03
C GLY A 38 1.06 -1.17 -13.31
N GLY A 39 1.30 -0.10 -14.07
CA GLY A 39 1.83 1.12 -13.48
C GLY A 39 1.97 2.23 -14.49
N SER A 40 1.63 3.45 -14.09
CA SER A 40 1.71 4.61 -14.97
C SER A 40 3.16 4.94 -15.28
N TYR A 41 4.05 4.64 -14.34
CA TYR A 41 5.47 4.91 -14.52
C TYR A 41 6.31 3.70 -14.14
N HIS A 42 7.54 3.65 -14.64
CA HIS A 42 8.45 2.55 -14.34
C HIS A 42 9.35 2.89 -13.17
N CYS A 43 8.79 3.56 -12.16
CA CYS A 43 9.55 3.94 -10.98
C CYS A 43 9.18 3.07 -9.78
N LYS A 1 10.21 8.43 -0.09
CA LYS A 1 8.75 8.35 -0.02
C LYS A 1 8.13 9.73 0.15
N PRO A 2 6.87 9.87 -0.28
CA PRO A 2 6.14 11.14 -0.18
C PRO A 2 5.79 11.49 1.26
N ALA A 3 4.96 12.53 1.43
CA ALA A 3 4.56 12.97 2.76
C ALA A 3 3.30 12.24 3.21
N TRP A 4 2.93 11.19 2.48
CA TRP A 4 1.74 10.41 2.81
C TRP A 4 2.11 9.13 3.54
N CYS A 5 3.18 8.49 3.09
CA CYS A 5 3.65 7.25 3.70
C CYS A 5 4.61 7.53 4.85
N TRP A 6 5.27 6.49 5.34
CA TRP A 6 6.23 6.63 6.42
C TRP A 6 7.38 5.64 6.28
N TYR A 7 7.04 4.39 5.96
CA TYR A 7 8.04 3.35 5.79
C TYR A 7 7.40 2.02 5.43
N THR A 8 8.17 0.95 5.52
CA THR A 8 7.67 -0.39 5.19
C THR A 8 7.25 -1.14 6.44
N LEU A 9 6.90 -0.39 7.48
CA LEU A 9 6.48 -0.99 8.75
C LEU A 9 5.23 -1.85 8.56
N ALA A 10 4.43 -1.50 7.57
CA ALA A 10 3.21 -2.25 7.27
C ALA A 10 2.22 -2.13 8.43
N MET A 11 1.76 -0.91 8.69
CA MET A 11 0.80 -0.68 9.76
C MET A 11 -0.56 -1.28 9.42
N CYS A 12 -1.28 -0.64 8.51
CA CYS A 12 -2.59 -1.11 8.09
C CYS A 12 -2.54 -2.58 7.70
N GLY A 13 -3.68 -3.26 7.81
CA GLY A 13 -3.74 -4.67 7.46
C GLY A 13 -3.52 -5.57 8.65
N ALA A 14 -2.87 -5.05 9.68
CA ALA A 14 -2.61 -5.81 10.89
C ALA A 14 -3.43 -5.30 12.06
N GLY A 15 -4.60 -4.75 11.76
CA GLY A 15 -5.47 -4.22 12.80
C GLY A 15 -5.42 -2.71 12.90
N TYR A 16 -4.36 -2.12 12.35
CA TYR A 16 -4.19 -0.68 12.38
C TYR A 16 -5.34 0.03 11.67
N ASP A 17 -5.95 -0.67 10.70
CA ASP A 17 -7.07 -0.12 9.95
C ASP A 17 -8.24 -1.09 9.93
N SER A 18 -9.30 -0.72 9.22
CA SER A 18 -10.49 -1.55 9.12
C SER A 18 -10.32 -2.62 8.04
N GLY A 19 -9.22 -3.34 8.30
CA GLY A 19 -8.33 -3.76 7.24
C GLY A 19 -8.53 -2.95 5.96
N THR A 20 -8.01 -1.74 5.95
CA THR A 20 -8.14 -0.87 4.78
C THR A 20 -6.95 0.09 4.67
N CYS A 21 -6.46 0.27 3.45
CA CYS A 21 -5.33 1.14 3.21
C CYS A 21 -5.61 2.08 2.03
N ASP A 22 -4.59 2.84 1.64
CA ASP A 22 -4.73 3.78 0.53
C ASP A 22 -3.38 4.04 -0.14
N TYR A 23 -2.55 4.85 0.51
CA TYR A 23 -1.23 5.19 -0.02
C TYR A 23 -0.35 3.94 -0.07
N MET A 24 -0.65 2.97 0.78
CA MET A 24 0.12 1.73 0.83
C MET A 24 0.01 0.97 -0.50
N TYR A 25 -1.20 0.89 -1.03
CA TYR A 25 -1.44 0.20 -2.28
C TYR A 25 -0.77 0.92 -3.44
N SER A 26 -0.29 2.13 -3.19
CA SER A 26 0.37 2.93 -4.21
C SER A 26 1.85 2.57 -4.30
N HIS A 27 2.17 1.31 -4.04
CA HIS A 27 3.55 0.84 -4.09
C HIS A 27 4.45 1.68 -3.19
N CYS A 28 4.05 1.82 -1.93
CA CYS A 28 4.81 2.60 -0.97
C CYS A 28 5.31 1.72 0.17
N PHE A 29 4.68 0.55 0.34
CA PHE A 29 5.06 -0.38 1.39
C PHE A 29 5.52 -1.70 0.79
N GLY A 30 5.00 -2.03 -0.39
CA GLY A 30 5.38 -3.27 -1.04
C GLY A 30 4.36 -4.37 -0.82
N VAL A 31 3.11 -3.97 -0.58
CA VAL A 31 2.04 -4.93 -0.35
C VAL A 31 1.21 -5.14 -1.61
N LYS A 32 1.07 -4.09 -2.40
CA LYS A 32 0.30 -4.16 -3.64
C LYS A 32 0.83 -5.27 -4.55
N HIS A 33 -0.03 -6.22 -4.89
CA HIS A 33 0.35 -7.33 -5.75
C HIS A 33 0.46 -6.87 -7.20
N SER A 34 1.60 -7.16 -7.83
CA SER A 34 1.84 -6.78 -9.21
C SER A 34 1.32 -7.84 -10.17
N SER A 35 0.20 -7.55 -10.83
CA SER A 35 -0.41 -8.49 -11.76
C SER A 35 0.57 -8.87 -12.86
N GLY A 36 1.29 -7.86 -13.38
CA GLY A 36 2.25 -8.12 -14.44
C GLY A 36 2.59 -6.86 -15.22
N GLY A 37 3.79 -6.82 -15.78
CA GLY A 37 4.21 -5.66 -16.55
C GLY A 37 4.25 -4.39 -15.71
N GLY A 38 3.37 -3.45 -16.03
CA GLY A 38 3.33 -2.20 -15.29
C GLY A 38 1.99 -1.50 -15.39
N GLY A 39 1.35 -1.30 -14.25
CA GLY A 39 0.04 -0.64 -14.24
C GLY A 39 0.13 0.80 -13.79
N SER A 40 -0.56 1.68 -14.50
CA SER A 40 -0.56 3.10 -14.19
C SER A 40 -1.91 3.73 -14.51
N TYR A 41 -2.26 4.77 -13.76
CA TYR A 41 -3.52 5.47 -13.97
C TYR A 41 -3.54 6.18 -15.32
N HIS A 42 -4.75 6.49 -15.81
CA HIS A 42 -4.89 7.17 -17.09
C HIS A 42 -5.02 8.68 -16.88
N CYS A 43 -4.23 9.21 -15.95
CA CYS A 43 -4.24 10.64 -15.66
C CYS A 43 -3.57 11.42 -16.77
N LYS A 1 10.36 9.46 0.84
CA LYS A 1 8.94 9.18 0.66
C LYS A 1 8.12 10.46 0.81
N PRO A 2 6.89 10.43 0.27
CA PRO A 2 5.97 11.58 0.34
C PRO A 2 5.46 11.82 1.75
N ALA A 3 4.45 12.68 1.86
CA ALA A 3 3.87 13.01 3.16
C ALA A 3 2.72 12.06 3.49
N TRP A 4 2.60 10.98 2.73
CA TRP A 4 1.56 10.00 2.94
C TRP A 4 2.12 8.73 3.57
N CYS A 5 3.19 8.21 2.98
CA CYS A 5 3.83 6.99 3.47
C CYS A 5 4.81 7.32 4.59
N TRP A 6 5.61 6.33 4.97
CA TRP A 6 6.60 6.51 6.03
C TRP A 6 7.70 5.45 5.93
N TYR A 7 7.30 4.21 5.67
CA TYR A 7 8.25 3.11 5.56
C TYR A 7 7.54 1.82 5.16
N THR A 8 8.25 0.70 5.26
CA THR A 8 7.70 -0.60 4.91
C THR A 8 7.20 -1.34 6.15
N LEU A 9 6.88 -0.58 7.20
CA LEU A 9 6.38 -1.16 8.44
C LEU A 9 5.09 -1.93 8.22
N ALA A 10 4.28 -1.45 7.27
CA ALA A 10 3.02 -2.10 6.96
C ALA A 10 2.06 -2.05 8.15
N MET A 11 1.67 -0.84 8.53
CA MET A 11 0.76 -0.65 9.66
C MET A 11 -0.61 -1.28 9.36
N CYS A 12 -1.30 -0.72 8.38
CA CYS A 12 -2.62 -1.23 7.99
C CYS A 12 -2.57 -2.73 7.74
N GLY A 13 -3.72 -3.38 7.89
CA GLY A 13 -3.79 -4.81 7.68
C GLY A 13 -3.63 -5.61 8.95
N ALA A 14 -2.92 -5.02 9.92
CA ALA A 14 -2.70 -5.68 11.20
C ALA A 14 -3.58 -5.09 12.29
N GLY A 15 -4.69 -4.49 11.88
CA GLY A 15 -5.60 -3.88 12.83
C GLY A 15 -5.50 -2.37 12.85
N TYR A 16 -4.37 -1.85 12.40
CA TYR A 16 -4.14 -0.40 12.37
C TYR A 16 -5.28 0.30 11.64
N ASP A 17 -5.89 -0.39 10.70
CA ASP A 17 -7.00 0.18 9.93
C ASP A 17 -8.21 -0.74 9.98
N SER A 18 -9.25 -0.38 9.22
CA SER A 18 -10.47 -1.16 9.17
C SER A 18 -10.35 -2.32 8.18
N GLY A 19 -9.28 -3.06 8.50
CA GLY A 19 -8.41 -3.59 7.47
C GLY A 19 -8.57 -2.89 6.15
N THR A 20 -8.00 -1.69 6.04
CA THR A 20 -8.08 -0.90 4.81
C THR A 20 -6.86 -0.01 4.64
N CYS A 21 -6.35 0.07 3.42
CA CYS A 21 -5.19 0.90 3.13
C CYS A 21 -5.47 1.86 1.99
N ASP A 22 -4.45 2.60 1.58
CA ASP A 22 -4.60 3.56 0.48
C ASP A 22 -3.25 3.83 -0.19
N TYR A 23 -2.42 4.63 0.46
CA TYR A 23 -1.10 4.97 -0.06
C TYR A 23 -0.22 3.73 -0.15
N MET A 24 -0.51 2.75 0.70
CA MET A 24 0.26 1.51 0.72
C MET A 24 0.13 0.75 -0.60
N TYR A 25 -1.10 0.68 -1.11
CA TYR A 25 -1.37 -0.01 -2.37
C TYR A 25 -0.74 0.74 -3.54
N SER A 26 -0.25 1.95 -3.28
CA SER A 26 0.37 2.76 -4.30
C SER A 26 1.85 2.42 -4.46
N HIS A 27 2.18 1.16 -4.24
CA HIS A 27 3.56 0.69 -4.36
C HIS A 27 4.48 1.51 -3.46
N CYS A 28 4.08 1.70 -2.21
CA CYS A 28 4.86 2.48 -1.26
C CYS A 28 5.35 1.60 -0.11
N PHE A 29 4.68 0.46 0.07
CA PHE A 29 5.03 -0.47 1.14
C PHE A 29 5.44 -1.82 0.56
N GLY A 30 4.89 -2.15 -0.60
CA GLY A 30 5.21 -3.42 -1.23
C GLY A 30 4.43 -4.58 -0.64
N VAL A 31 3.23 -4.28 -0.14
CA VAL A 31 2.39 -5.31 0.46
C VAL A 31 1.44 -5.91 -0.57
N LYS A 32 1.05 -5.10 -1.55
CA LYS A 32 0.14 -5.54 -2.60
C LYS A 32 0.69 -6.77 -3.31
N HIS A 33 -0.18 -7.72 -3.61
CA HIS A 33 0.23 -8.94 -4.30
C HIS A 33 0.13 -8.77 -5.81
N SER A 34 0.39 -9.85 -6.54
CA SER A 34 0.34 -9.81 -8.00
C SER A 34 -1.07 -9.52 -8.49
N SER A 35 -1.18 -8.67 -9.50
CA SER A 35 -2.48 -8.30 -10.06
C SER A 35 -2.96 -9.35 -11.05
N GLY A 36 -3.67 -10.35 -10.53
CA GLY A 36 -4.19 -11.41 -11.38
C GLY A 36 -5.69 -11.36 -11.53
N GLY A 37 -6.16 -10.72 -12.60
CA GLY A 37 -7.58 -10.60 -12.83
C GLY A 37 -8.10 -9.19 -12.63
N GLY A 38 -9.24 -8.89 -13.25
CA GLY A 38 -9.81 -7.56 -13.13
C GLY A 38 -10.43 -7.08 -14.43
N GLY A 39 -10.88 -5.83 -14.44
CA GLY A 39 -11.50 -5.28 -15.63
C GLY A 39 -11.96 -3.85 -15.43
N SER A 40 -12.66 -3.30 -16.42
CA SER A 40 -13.15 -1.93 -16.35
C SER A 40 -14.43 -1.78 -17.19
N TYR A 41 -15.16 -0.69 -16.94
CA TYR A 41 -16.39 -0.42 -17.67
C TYR A 41 -16.29 0.89 -18.44
N HIS A 42 -17.16 1.06 -19.43
CA HIS A 42 -17.17 2.27 -20.25
C HIS A 42 -18.19 3.27 -19.70
N CYS A 43 -18.31 3.34 -18.39
CA CYS A 43 -19.25 4.25 -17.75
C CYS A 43 -18.69 4.76 -16.42
N LYS A 1 10.47 9.27 1.23
CA LYS A 1 9.07 9.01 0.96
C LYS A 1 8.25 10.29 1.06
N PRO A 2 7.06 10.29 0.45
CA PRO A 2 6.15 11.45 0.47
C PRO A 2 5.55 11.69 1.85
N ALA A 3 4.56 12.57 1.91
CA ALA A 3 3.89 12.88 3.16
C ALA A 3 2.71 11.95 3.42
N TRP A 4 2.63 10.89 2.62
CA TRP A 4 1.53 9.92 2.75
C TRP A 4 2.04 8.65 3.41
N CYS A 5 3.18 8.15 2.95
CA CYS A 5 3.77 6.93 3.50
C CYS A 5 4.73 7.26 4.65
N TRP A 6 5.48 6.25 5.07
CA TRP A 6 6.44 6.44 6.16
C TRP A 6 7.56 5.39 6.07
N TYR A 7 7.20 4.16 5.77
CA TYR A 7 8.17 3.08 5.66
C TYR A 7 7.50 1.79 5.22
N THR A 8 8.22 0.68 5.34
CA THR A 8 7.71 -0.63 4.95
C THR A 8 7.23 -1.41 6.16
N LEU A 9 6.86 -0.69 7.22
CA LEU A 9 6.38 -1.32 8.45
C LEU A 9 5.03 -1.97 8.23
N ALA A 10 4.27 -1.46 7.26
CA ALA A 10 2.95 -2.00 6.95
C ALA A 10 1.99 -1.79 8.12
N MET A 11 1.73 -0.53 8.44
CA MET A 11 0.82 -0.19 9.53
C MET A 11 -0.51 -0.90 9.37
N CYS A 12 -1.30 -0.47 8.38
CA CYS A 12 -2.60 -1.07 8.12
C CYS A 12 -2.47 -2.56 7.85
N GLY A 13 -3.56 -3.29 8.03
CA GLY A 13 -3.55 -4.72 7.80
C GLY A 13 -3.26 -5.50 9.06
N ALA A 14 -2.55 -4.88 10.00
CA ALA A 14 -2.21 -5.54 11.25
C ALA A 14 -3.10 -5.06 12.39
N GLY A 15 -4.29 -4.57 12.02
CA GLY A 15 -5.23 -4.08 13.03
C GLY A 15 -5.16 -2.58 13.20
N TYR A 16 -4.45 -1.90 12.30
CA TYR A 16 -4.31 -0.46 12.37
C TYR A 16 -5.46 0.24 11.66
N ASP A 17 -6.01 -0.42 10.64
CA ASP A 17 -7.12 0.13 9.88
C ASP A 17 -8.32 -0.81 9.90
N SER A 18 -9.35 -0.47 9.15
CA SER A 18 -10.56 -1.28 9.08
C SER A 18 -10.40 -2.40 8.07
N GLY A 19 -9.32 -3.13 8.37
CA GLY A 19 -8.42 -3.62 7.34
C GLY A 19 -8.60 -2.88 6.02
N THR A 20 -8.05 -1.68 5.95
CA THR A 20 -8.15 -0.87 4.73
C THR A 20 -6.95 0.06 4.60
N CYS A 21 -6.44 0.18 3.38
CA CYS A 21 -5.29 1.04 3.11
C CYS A 21 -5.59 1.98 1.94
N ASP A 22 -4.55 2.70 1.50
CA ASP A 22 -4.69 3.64 0.39
C ASP A 22 -3.35 3.89 -0.29
N TYR A 23 -2.50 4.68 0.36
CA TYR A 23 -1.20 5.00 -0.18
C TYR A 23 -0.33 3.75 -0.26
N MET A 24 -0.62 2.77 0.58
CA MET A 24 0.13 1.51 0.60
C MET A 24 -0.01 0.78 -0.72
N TYR A 25 -1.23 0.73 -1.24
CA TYR A 25 -1.50 0.04 -2.50
C TYR A 25 -0.84 0.77 -3.67
N SER A 26 -0.33 1.97 -3.39
CA SER A 26 0.31 2.77 -4.42
C SER A 26 1.79 2.39 -4.55
N HIS A 27 2.10 1.13 -4.29
CA HIS A 27 3.47 0.64 -4.37
C HIS A 27 4.40 1.48 -3.50
N CYS A 28 4.03 1.66 -2.24
CA CYS A 28 4.82 2.44 -1.32
C CYS A 28 5.35 1.58 -0.17
N PHE A 29 4.71 0.42 0.03
CA PHE A 29 5.11 -0.50 1.08
C PHE A 29 5.57 -1.84 0.49
N GLY A 30 5.05 -2.16 -0.69
CA GLY A 30 5.42 -3.40 -1.34
C GLY A 30 4.42 -4.52 -1.06
N VAL A 31 3.16 -4.14 -0.85
CA VAL A 31 2.12 -5.12 -0.57
C VAL A 31 1.25 -5.37 -1.80
N LYS A 32 1.04 -4.33 -2.59
CA LYS A 32 0.24 -4.43 -3.80
C LYS A 32 0.74 -5.57 -4.70
N HIS A 33 -0.15 -6.49 -5.03
CA HIS A 33 0.20 -7.62 -5.88
C HIS A 33 0.58 -7.15 -7.28
N SER A 34 1.02 -8.09 -8.11
CA SER A 34 1.42 -7.77 -9.48
C SER A 34 0.24 -7.23 -10.27
N SER A 35 -0.82 -8.02 -10.37
CA SER A 35 -2.01 -7.61 -11.11
C SER A 35 -2.90 -6.71 -10.26
N GLY A 36 -2.72 -5.41 -10.42
CA GLY A 36 -3.50 -4.44 -9.66
C GLY A 36 -3.96 -3.27 -10.51
N GLY A 37 -3.09 -2.29 -10.68
CA GLY A 37 -3.44 -1.12 -11.47
C GLY A 37 -2.97 0.18 -10.82
N GLY A 38 -3.56 1.29 -11.26
CA GLY A 38 -3.19 2.58 -10.70
C GLY A 38 -2.14 3.28 -11.53
N GLY A 39 -1.95 4.57 -11.27
CA GLY A 39 -0.98 5.35 -12.01
C GLY A 39 -0.42 6.51 -11.21
N SER A 40 0.72 6.28 -10.56
CA SER A 40 1.35 7.32 -9.75
C SER A 40 2.86 7.30 -9.91
N TYR A 41 3.48 8.47 -9.87
CA TYR A 41 4.93 8.58 -10.01
C TYR A 41 5.63 8.27 -8.70
N HIS A 42 6.91 7.92 -8.79
CA HIS A 42 7.70 7.60 -7.60
C HIS A 42 8.47 8.82 -7.11
N CYS A 43 7.82 9.99 -7.17
CA CYS A 43 8.45 11.23 -6.74
C CYS A 43 8.94 11.12 -5.31
#